data_1ZIW
#
_entry.id   1ZIW
#
_cell.length_a   138.497
_cell.length_b   155.121
_cell.length_c   119.669
_cell.angle_alpha   90.00
_cell.angle_beta   90.00
_cell.angle_gamma   90.00
#
_symmetry.space_group_name_H-M   'C 2 2 21'
#
loop_
_entity.id
_entity.type
_entity.pdbx_description
1 polymer 'Toll-like receptor 3'
2 branched 2-acetamido-2-deoxy-beta-D-glucopyranose-(1-4)-2-acetamido-2-deoxy-beta-D-glucopyranose
3 non-polymer 2-acetamido-2-deoxy-beta-D-glucopyranose
4 non-polymer 'SULFATE ION'
5 non-polymer GLYCEROL
6 water water
#
_entity_poly.entity_id   1
_entity_poly.type   'polypeptide(L)'
_entity_poly.pdbx_seq_one_letter_code
;KCTVSHEVADCSHLKLTQVPDDLPTNITVLNLTHNQLRRLPAANFTRYSQLTSLDVGFNTISKLEPELCQKLPMLKVLNL
QHNELSQLSDKTFAFCTNLTELHLMSNSIQKIKNNPFVKQKNLITLDLSHNGLSSTKLGTQVQLENLQELLLSNNKIQAL
KSEELDIFANSSLKKLELSSNQIKEFSPGCFHAIGRLFGLFLNNVQLGPSLTEKLCLELANTSIRNLSLSNSQLSTTSNT
TFLGLKWTNLTMLDLSYNNLNVVGNDSFAWLPQLEYFFLEYNNIQHLFSHSLHGLFNVRYLNLKRSFTKQSISLASLPKI
DDFSFQWLKCLEHLNMEDNDIPGIKSNMFTGLINLKYLSLSNSFTSLRTLTNETFVSLAHSPLHILNLTKNKISKIESDA
FSWLGHLEVLDLGLNEIGQELTGQEWRGLENIFEIYLSYNKYLQLTRNSFALVPSLQRLMLRRVALKNVDSSPSPFQPLR
NLTILDLSNNNIANINDDMLEGLEKLEILDLQHNNLARLWKHANPGGPIYFLKGLSHLHILNLESNGFDEIPVEVFKDLF
ELKIIDLGLNNLNTLPASVFNNQVSLKSLNLQKNLITSVEKKVFGPAFRNLTELDMRFNPFDCTCESIAWFVNWINETHT
NIPELSSHYLCNTPPHYHGFPVRLFDTSSCKDSAHHHHHH
;
_entity_poly.pdbx_strand_id   A
#
loop_
_chem_comp.id
_chem_comp.type
_chem_comp.name
_chem_comp.formula
GOL non-polymer GLYCEROL 'C3 H8 O3'
NAG D-saccharide, beta linking 2-acetamido-2-deoxy-beta-D-glucopyranose 'C8 H15 N O6'
SO4 non-polymer 'SULFATE ION' 'O4 S -2'
#
# COMPACT_ATOMS: atom_id res chain seq x y z
N VAL A 4 0.51 -9.99 30.37
CA VAL A 4 0.19 -11.40 30.74
C VAL A 4 -1.31 -11.66 31.03
N SER A 5 -2.12 -10.62 31.25
CA SER A 5 -3.59 -10.80 31.30
C SER A 5 -4.48 -9.56 31.22
N HIS A 6 -5.32 -9.48 30.16
CA HIS A 6 -6.45 -8.54 30.06
C HIS A 6 -7.78 -9.31 29.82
N GLU A 7 -7.95 -10.43 30.54
CA GLU A 7 -8.90 -11.56 30.26
C GLU A 7 -8.47 -12.45 29.06
N VAL A 8 -7.46 -11.98 28.35
CA VAL A 8 -6.71 -12.75 27.39
C VAL A 8 -5.40 -13.08 28.09
N ALA A 9 -5.05 -14.35 28.18
CA ALA A 9 -3.79 -14.77 28.82
C ALA A 9 -2.67 -15.00 27.79
N ASP A 10 -1.63 -14.18 27.86
CA ASP A 10 -0.40 -14.42 27.06
C ASP A 10 0.64 -15.23 27.85
N CYS A 11 0.87 -16.47 27.42
CA CYS A 11 1.85 -17.37 28.03
C CYS A 11 2.84 -17.84 26.94
N SER A 12 2.95 -17.01 25.92
CA SER A 12 3.85 -17.23 24.79
C SER A 12 5.34 -17.12 25.15
N HIS A 13 6.16 -17.96 24.52
CA HIS A 13 7.61 -17.92 24.69
C HIS A 13 8.02 -17.94 26.17
N LEU A 14 7.65 -19.00 26.88
CA LEU A 14 8.01 -19.11 28.31
C LEU A 14 8.62 -20.45 28.69
N LYS A 15 9.05 -21.24 27.71
CA LYS A 15 9.64 -22.58 27.95
C LYS A 15 8.81 -23.49 28.90
N LEU A 16 7.48 -23.44 28.75
CA LEU A 16 6.55 -24.18 29.61
C LEU A 16 6.42 -25.61 29.15
N THR A 17 6.53 -26.56 30.08
CA THR A 17 6.25 -27.96 29.79
C THR A 17 4.89 -28.40 30.31
N GLN A 18 4.16 -27.46 30.91
CA GLN A 18 2.83 -27.75 31.42
C GLN A 18 1.94 -26.50 31.37
N VAL A 19 0.63 -26.70 31.32
CA VAL A 19 -0.33 -25.59 31.31
C VAL A 19 -0.33 -24.87 32.66
N PRO A 20 -0.20 -23.52 32.68
CA PRO A 20 -0.35 -22.73 33.90
C PRO A 20 -1.59 -23.14 34.69
N ASP A 21 -1.44 -23.49 35.96
CA ASP A 21 -2.60 -23.97 36.74
C ASP A 21 -3.22 -22.86 37.59
N ASP A 22 -2.71 -21.64 37.42
CA ASP A 22 -3.01 -20.52 38.32
C ASP A 22 -3.43 -19.22 37.60
N LEU A 23 -3.88 -19.34 36.36
CA LEU A 23 -4.46 -18.18 35.68
C LEU A 23 -5.88 -17.96 36.21
N PRO A 24 -6.46 -16.76 35.99
CA PRO A 24 -7.85 -16.55 36.41
C PRO A 24 -8.85 -17.48 35.69
N THR A 25 -9.91 -17.84 36.38
CA THR A 25 -11.02 -18.59 35.79
C THR A 25 -11.82 -17.69 34.84
N ASN A 26 -11.43 -16.41 34.82
CA ASN A 26 -11.98 -15.37 33.93
C ASN A 26 -11.70 -15.63 32.45
N ILE A 27 -10.54 -16.22 32.17
CA ILE A 27 -9.91 -16.09 30.86
C ILE A 27 -10.73 -16.76 29.74
N THR A 28 -10.74 -16.10 28.59
CA THR A 28 -11.47 -16.56 27.41
C THR A 28 -10.53 -16.88 26.26
N VAL A 29 -9.28 -16.39 26.37
CA VAL A 29 -8.23 -16.63 25.37
C VAL A 29 -7.00 -17.10 26.10
N LEU A 30 -6.48 -18.25 25.69
CA LEU A 30 -5.28 -18.79 26.28
C LEU A 30 -4.28 -18.96 25.16
N ASN A 31 -3.15 -18.27 25.31
CA ASN A 31 -2.14 -18.26 24.28
C ASN A 31 -0.88 -18.94 24.79
N LEU A 32 -0.63 -20.16 24.31
CA LEU A 32 0.52 -20.91 24.77
C LEU A 32 1.48 -21.23 23.63
N THR A 33 1.46 -20.37 22.61
CA THR A 33 2.39 -20.51 21.49
C THR A 33 3.84 -20.50 21.94
N HIS A 34 4.67 -21.27 21.24
CA HIS A 34 6.11 -21.31 21.45
C HIS A 34 6.45 -21.63 22.89
N ASN A 35 6.18 -22.89 23.26
CA ASN A 35 6.55 -23.45 24.53
C ASN A 35 6.98 -24.88 24.23
N GLN A 36 7.04 -25.74 25.24
CA GLN A 36 7.49 -27.13 25.06
C GLN A 36 6.43 -28.14 25.51
N LEU A 37 5.15 -27.80 25.36
CA LEU A 37 4.06 -28.69 25.71
C LEU A 37 4.11 -29.97 24.85
N ARG A 38 3.98 -31.13 25.48
CA ARG A 38 3.97 -32.41 24.77
C ARG A 38 2.56 -32.99 24.71
N ARG A 39 1.71 -32.55 25.62
CA ARG A 39 0.38 -33.11 25.79
C ARG A 39 -0.56 -31.98 26.22
N LEU A 40 -1.87 -32.18 26.00
CA LEU A 40 -2.91 -31.27 26.54
C LEU A 40 -3.95 -32.02 27.41
N PRO A 41 -3.58 -32.41 28.64
CA PRO A 41 -4.54 -33.24 29.39
C PRO A 41 -5.81 -32.48 29.77
N ALA A 42 -6.96 -33.13 29.61
CA ALA A 42 -8.28 -32.56 29.93
C ALA A 42 -8.41 -31.94 31.35
N ALA A 43 -7.85 -32.60 32.36
CA ALA A 43 -7.87 -32.08 33.74
C ALA A 43 -7.27 -30.67 33.92
N ASN A 44 -6.35 -30.29 33.02
CA ASN A 44 -5.59 -29.03 33.15
C ASN A 44 -6.39 -27.84 32.69
N PHE A 45 -7.55 -28.12 32.08
CA PHE A 45 -8.43 -27.10 31.52
C PHE A 45 -9.79 -26.96 32.23
N THR A 46 -10.01 -27.77 33.27
CA THR A 46 -11.23 -27.70 34.08
C THR A 46 -11.42 -26.28 34.60
N ARG A 47 -10.33 -25.70 35.11
CA ARG A 47 -10.27 -24.32 35.57
C ARG A 47 -10.72 -23.30 34.52
N TYR A 48 -10.41 -23.56 33.25
CA TYR A 48 -10.59 -22.55 32.22
C TYR A 48 -11.77 -22.85 31.31
N SER A 49 -12.92 -23.10 31.93
CA SER A 49 -14.14 -23.48 31.20
C SER A 49 -14.67 -22.38 30.28
N GLN A 50 -14.06 -21.19 30.33
CA GLN A 50 -14.59 -20.05 29.60
C GLN A 50 -13.87 -19.77 28.30
N LEU A 51 -12.78 -20.52 28.04
CA LEU A 51 -12.01 -20.35 26.80
C LEU A 51 -12.89 -20.47 25.54
N THR A 52 -12.79 -19.44 24.71
CA THR A 52 -13.33 -19.47 23.37
C THR A 52 -12.18 -19.63 22.37
N SER A 53 -10.95 -19.41 22.83
CA SER A 53 -9.79 -19.54 21.94
C SER A 53 -8.59 -20.12 22.67
N LEU A 54 -8.00 -21.13 22.03
CA LEU A 54 -6.84 -21.83 22.57
C LEU A 54 -5.77 -21.92 21.50
N ASP A 55 -4.66 -21.26 21.75
CA ASP A 55 -3.61 -21.25 20.77
C ASP A 55 -2.40 -21.95 21.35
N VAL A 56 -2.14 -23.15 20.85
CA VAL A 56 -1.01 -23.95 21.31
C VAL A 56 -0.05 -24.19 20.14
N GLY A 57 -0.09 -23.29 19.16
CA GLY A 57 0.86 -23.33 18.05
C GLY A 57 2.30 -23.33 18.55
N PHE A 58 3.16 -24.08 17.86
CA PHE A 58 4.60 -24.10 18.12
C PHE A 58 4.97 -24.74 19.46
N ASN A 59 4.40 -25.92 19.71
CA ASN A 59 4.77 -26.77 20.81
C ASN A 59 5.17 -28.12 20.24
N THR A 60 5.06 -29.17 21.02
CA THR A 60 5.48 -30.50 20.56
C THR A 60 4.39 -31.52 20.87
N ILE A 61 3.13 -31.12 20.69
CA ILE A 61 1.96 -31.94 21.00
C ILE A 61 1.72 -33.04 19.96
N SER A 62 1.61 -34.28 20.43
CA SER A 62 1.42 -35.44 19.53
C SER A 62 0.03 -36.05 19.60
N LYS A 63 -0.69 -35.77 20.68
CA LYS A 63 -2.09 -36.18 20.74
C LYS A 63 -3.01 -35.27 21.53
N LEU A 64 -4.29 -35.34 21.17
CA LEU A 64 -5.33 -34.63 21.87
C LEU A 64 -6.22 -35.60 22.60
N GLU A 65 -6.36 -35.40 23.89
CA GLU A 65 -7.40 -36.06 24.66
C GLU A 65 -8.73 -35.47 24.24
N PRO A 66 -9.63 -36.29 23.68
CA PRO A 66 -10.96 -35.86 23.23
C PRO A 66 -11.76 -35.16 24.33
N GLU A 67 -11.62 -35.58 25.60
CA GLU A 67 -12.28 -34.90 26.71
C GLU A 67 -11.89 -33.42 26.91
N LEU A 68 -10.74 -33.00 26.37
CA LEU A 68 -10.39 -31.58 26.33
C LEU A 68 -11.58 -30.73 25.85
N CYS A 69 -12.21 -31.12 24.74
CA CYS A 69 -13.33 -30.33 24.22
C CYS A 69 -14.63 -30.33 25.02
N GLN A 70 -14.83 -31.33 25.88
CA GLN A 70 -15.95 -31.25 26.81
C GLN A 70 -15.66 -30.35 28.00
N LYS A 71 -14.37 -30.16 28.30
CA LYS A 71 -13.92 -29.21 29.35
C LYS A 71 -14.07 -27.78 28.85
N LEU A 72 -14.06 -27.62 27.53
CA LEU A 72 -14.07 -26.31 26.91
C LEU A 72 -15.25 -26.23 25.95
N PRO A 73 -16.50 -26.23 26.47
CA PRO A 73 -17.68 -26.27 25.60
C PRO A 73 -17.86 -25.02 24.75
N MET A 74 -17.11 -23.96 25.08
CA MET A 74 -17.21 -22.70 24.34
C MET A 74 -16.11 -22.52 23.31
N LEU A 75 -15.17 -23.46 23.23
CA LEU A 75 -14.00 -23.35 22.35
C LEU A 75 -14.43 -23.13 20.89
N LYS A 76 -13.98 -22.02 20.32
CA LYS A 76 -14.31 -21.66 18.94
C LYS A 76 -13.11 -21.78 18.05
N VAL A 77 -11.97 -21.35 18.58
CA VAL A 77 -10.75 -21.23 17.81
C VAL A 77 -9.72 -22.15 18.42
N LEU A 78 -9.24 -23.11 17.65
CA LEU A 78 -8.27 -24.02 18.19
C LEU A 78 -7.05 -24.01 17.28
N ASN A 79 -5.92 -23.53 17.79
CA ASN A 79 -4.74 -23.49 16.94
C ASN A 79 -3.67 -24.47 17.39
N LEU A 80 -3.43 -25.46 16.52
CA LEU A 80 -2.48 -26.55 16.78
C LEU A 80 -1.35 -26.56 15.78
N GLN A 81 -1.12 -25.45 15.10
CA GLN A 81 -0.08 -25.42 14.06
C GLN A 81 1.29 -25.70 14.64
N HIS A 82 2.13 -26.34 13.82
CA HIS A 82 3.53 -26.61 14.16
C HIS A 82 3.62 -27.40 15.44
N ASN A 83 3.01 -28.58 15.44
CA ASN A 83 3.12 -29.49 16.55
C ASN A 83 3.49 -30.83 15.95
N GLU A 84 3.16 -31.92 16.62
CA GLU A 84 3.52 -33.23 16.13
C GLU A 84 2.29 -34.14 16.01
N LEU A 85 1.17 -33.50 15.65
CA LEU A 85 -0.15 -34.14 15.61
C LEU A 85 -0.39 -34.78 14.25
N SER A 86 0.43 -35.77 13.90
CA SER A 86 0.38 -36.42 12.58
C SER A 86 -0.74 -37.46 12.39
N GLN A 87 -1.31 -37.92 13.49
CA GLN A 87 -2.38 -38.94 13.45
C GLN A 87 -3.65 -38.37 14.05
N LEU A 88 -4.69 -38.26 13.23
CA LEU A 88 -6.02 -37.87 13.67
C LEU A 88 -6.94 -39.08 13.66
N SER A 89 -7.80 -39.18 14.66
CA SER A 89 -8.85 -40.21 14.67
C SER A 89 -10.22 -39.53 14.68
N ASP A 90 -11.27 -40.33 14.69
CA ASP A 90 -12.62 -39.79 14.80
C ASP A 90 -12.89 -39.23 16.21
N LYS A 91 -12.11 -39.69 17.18
CA LYS A 91 -12.18 -39.20 18.55
C LYS A 91 -11.53 -37.82 18.79
N THR A 92 -10.47 -37.50 18.04
CA THR A 92 -9.68 -36.30 18.30
C THR A 92 -10.58 -35.06 18.54
N PHE A 93 -11.43 -34.74 17.57
CA PHE A 93 -12.25 -33.51 17.65
C PHE A 93 -13.77 -33.73 17.85
N ALA A 94 -14.16 -34.96 18.16
CA ALA A 94 -15.57 -35.34 18.17
C ALA A 94 -16.38 -34.43 19.08
N PHE A 95 -15.80 -34.01 20.20
CA PHE A 95 -16.53 -33.19 21.16
C PHE A 95 -16.33 -31.70 20.96
N CYS A 96 -15.51 -31.31 19.98
CA CYS A 96 -15.30 -29.90 19.71
C CYS A 96 -16.34 -29.35 18.75
N THR A 97 -17.59 -29.40 19.17
CA THR A 97 -18.68 -29.14 18.23
C THR A 97 -18.85 -27.65 17.90
N ASN A 98 -18.33 -26.78 18.77
CA ASN A 98 -18.44 -25.31 18.58
C ASN A 98 -17.34 -24.63 17.80
N LEU A 99 -16.30 -25.37 17.42
CA LEU A 99 -15.21 -24.80 16.63
C LEU A 99 -15.71 -24.13 15.38
N THR A 100 -15.13 -22.96 15.14
CA THR A 100 -15.33 -22.19 13.90
C THR A 100 -14.01 -22.12 13.15
N GLU A 101 -12.89 -22.26 13.85
CA GLU A 101 -11.57 -22.28 13.21
C GLU A 101 -10.69 -23.38 13.76
N LEU A 102 -10.11 -24.18 12.87
CA LEU A 102 -9.24 -25.26 13.30
C LEU A 102 -8.00 -25.16 12.46
N HIS A 103 -6.86 -24.92 13.11
CA HIS A 103 -5.59 -24.68 12.43
C HIS A 103 -4.65 -25.83 12.69
N LEU A 104 -4.34 -26.57 11.63
CA LEU A 104 -3.53 -27.79 11.77
C LEU A 104 -2.31 -27.82 10.89
N MET A 105 -1.86 -26.64 10.45
CA MET A 105 -0.65 -26.50 9.63
C MET A 105 0.58 -27.10 10.28
N SER A 106 1.47 -27.64 9.46
CA SER A 106 2.78 -28.09 9.92
C SER A 106 2.72 -29.09 11.06
N ASN A 107 1.98 -30.16 10.82
CA ASN A 107 1.91 -31.26 11.75
C ASN A 107 2.34 -32.57 11.10
N SER A 108 2.98 -32.47 9.96
CA SER A 108 3.33 -33.66 9.16
C SER A 108 2.20 -34.72 9.13
N ILE A 109 0.97 -34.23 8.99
CA ILE A 109 -0.14 -35.12 8.70
C ILE A 109 0.04 -35.63 7.27
N GLN A 110 0.10 -36.95 7.14
CA GLN A 110 0.38 -37.57 5.88
C GLN A 110 -0.92 -38.13 5.31
N LYS A 111 -1.81 -38.55 6.19
CA LYS A 111 -3.01 -39.22 5.72
C LYS A 111 -4.14 -38.92 6.67
N ILE A 112 -5.34 -38.74 6.12
CA ILE A 112 -6.56 -38.71 6.91
C ILE A 112 -7.46 -39.89 6.55
N LYS A 113 -7.92 -40.63 7.55
CA LYS A 113 -8.40 -41.99 7.31
C LYS A 113 -9.89 -42.21 7.42
N ASN A 114 -10.57 -41.45 8.27
CA ASN A 114 -12.00 -41.76 8.38
C ASN A 114 -12.77 -40.46 8.30
N ASN A 115 -13.44 -40.06 9.38
CA ASN A 115 -14.10 -38.76 9.43
C ASN A 115 -13.73 -37.94 10.67
N PRO A 116 -12.46 -37.49 10.77
CA PRO A 116 -12.08 -36.73 11.97
C PRO A 116 -12.77 -35.35 12.15
N PHE A 117 -13.38 -34.85 11.09
CA PHE A 117 -14.02 -33.49 11.13
C PHE A 117 -15.56 -33.51 11.07
N VAL A 118 -16.18 -34.68 11.25
CA VAL A 118 -17.61 -34.82 10.98
C VAL A 118 -18.48 -34.11 12.01
N LYS A 119 -17.99 -33.95 13.25
CA LYS A 119 -18.75 -33.21 14.27
C LYS A 119 -18.53 -31.68 14.17
N GLN A 120 -17.65 -31.24 13.26
CA GLN A 120 -17.33 -29.82 13.15
C GLN A 120 -18.39 -29.07 12.34
N LYS A 121 -19.64 -29.18 12.77
CA LYS A 121 -20.79 -28.64 12.01
C LYS A 121 -20.79 -27.11 11.93
N ASN A 122 -20.09 -26.43 12.85
CA ASN A 122 -20.00 -24.95 12.87
C ASN A 122 -18.68 -24.42 12.33
N LEU A 123 -17.80 -25.35 11.91
CA LEU A 123 -16.49 -24.95 11.41
C LEU A 123 -16.55 -24.08 10.14
N ILE A 124 -15.78 -22.99 10.13
CA ILE A 124 -15.74 -21.98 9.08
C ILE A 124 -14.42 -22.13 8.34
N THR A 125 -13.35 -22.34 9.11
CA THR A 125 -12.04 -22.42 8.53
C THR A 125 -11.34 -23.70 8.95
N LEU A 126 -10.81 -24.44 7.98
CA LEU A 126 -10.00 -25.60 8.28
C LEU A 126 -8.66 -25.45 7.57
N ASP A 127 -7.58 -25.44 8.32
CA ASP A 127 -6.29 -25.21 7.66
C ASP A 127 -5.40 -26.39 7.89
N LEU A 128 -5.15 -27.11 6.80
CA LEU A 128 -4.31 -28.28 6.82
C LEU A 128 -3.08 -28.09 5.96
N SER A 129 -2.74 -26.83 5.71
CA SER A 129 -1.55 -26.45 4.93
C SER A 129 -0.27 -27.03 5.51
N HIS A 130 0.74 -27.17 4.65
CA HIS A 130 2.09 -27.59 5.07
C HIS A 130 2.06 -28.92 5.83
N ASN A 131 1.44 -29.92 5.21
CA ASN A 131 1.44 -31.28 5.71
C ASN A 131 1.90 -32.18 4.55
N GLY A 132 1.69 -33.48 4.66
CA GLY A 132 2.14 -34.38 3.62
C GLY A 132 0.96 -35.07 2.97
N LEU A 133 -0.17 -34.36 2.85
CA LEU A 133 -1.40 -34.99 2.36
C LEU A 133 -1.23 -35.20 0.86
N SER A 134 -1.57 -36.39 0.40
CA SER A 134 -1.52 -36.69 -1.03
C SER A 134 -2.94 -36.66 -1.64
N SER A 135 -3.92 -36.26 -0.85
CA SER A 135 -5.30 -36.29 -1.28
C SER A 135 -6.08 -35.14 -0.64
N THR A 136 -7.18 -34.70 -1.26
CA THR A 136 -8.07 -33.76 -0.57
C THR A 136 -9.17 -34.47 0.22
N LYS A 137 -9.15 -35.80 0.29
CA LYS A 137 -10.21 -36.58 0.99
C LYS A 137 -10.02 -36.39 2.50
N LEU A 138 -11.08 -35.92 3.15
CA LEU A 138 -11.03 -35.51 4.56
C LEU A 138 -12.13 -36.17 5.33
N GLY A 139 -12.88 -37.03 4.65
CA GLY A 139 -13.98 -37.79 5.22
C GLY A 139 -14.71 -38.64 4.18
N THR A 140 -15.77 -39.32 4.59
CA THR A 140 -16.46 -40.28 3.73
C THR A 140 -17.94 -39.97 3.60
N GLN A 141 -18.38 -38.87 4.19
CA GLN A 141 -19.79 -38.49 4.12
C GLN A 141 -19.90 -36.98 4.10
N VAL A 142 -21.02 -36.48 3.56
CA VAL A 142 -21.25 -35.04 3.48
C VAL A 142 -21.18 -34.44 4.90
N GLN A 143 -20.44 -33.36 5.03
CA GLN A 143 -20.18 -32.76 6.35
C GLN A 143 -19.56 -31.38 6.11
N LEU A 144 -19.16 -30.72 7.21
CA LEU A 144 -18.54 -29.40 7.15
C LEU A 144 -19.37 -28.47 6.26
N GLU A 145 -20.67 -28.49 6.46
CA GLU A 145 -21.61 -27.73 5.64
C GLU A 145 -21.42 -26.23 5.81
N ASN A 146 -20.91 -25.83 6.96
CA ASN A 146 -20.67 -24.40 7.21
C ASN A 146 -19.30 -23.94 6.83
N LEU A 147 -18.48 -24.87 6.32
CA LEU A 147 -17.11 -24.50 6.00
C LEU A 147 -17.07 -23.46 4.90
N GLN A 148 -16.26 -22.42 5.10
CA GLN A 148 -16.08 -21.38 4.09
C GLN A 148 -14.66 -21.36 3.52
N GLU A 149 -13.69 -21.75 4.33
CA GLU A 149 -12.31 -21.75 3.86
C GLU A 149 -11.66 -23.09 4.10
N LEU A 150 -11.17 -23.69 3.04
CA LEU A 150 -10.45 -24.96 3.18
C LEU A 150 -9.03 -24.71 2.64
N LEU A 151 -8.04 -24.81 3.53
CA LEU A 151 -6.68 -24.47 3.14
C LEU A 151 -5.82 -25.74 3.11
N LEU A 152 -5.34 -26.10 1.93
CA LEU A 152 -4.65 -27.38 1.74
C LEU A 152 -3.35 -27.13 0.99
N SER A 153 -2.83 -25.91 1.13
CA SER A 153 -1.67 -25.51 0.37
C SER A 153 -0.42 -26.17 0.93
N ASN A 154 0.59 -26.31 0.08
CA ASN A 154 1.87 -26.89 0.47
C ASN A 154 1.72 -28.31 0.99
N ASN A 155 0.94 -29.13 0.29
CA ASN A 155 0.80 -30.53 0.59
C ASN A 155 1.43 -31.35 -0.51
N LYS A 156 1.09 -32.62 -0.63
CA LYS A 156 1.61 -33.42 -1.74
C LYS A 156 0.50 -33.91 -2.65
N ILE A 157 -0.53 -33.06 -2.86
CA ILE A 157 -1.68 -33.46 -3.64
C ILE A 157 -1.33 -33.46 -5.12
N GLN A 158 -1.64 -34.57 -5.79
CA GLN A 158 -1.27 -34.85 -7.17
C GLN A 158 -2.44 -34.90 -8.14
N ALA A 159 -3.67 -34.95 -7.62
CA ALA A 159 -4.87 -34.98 -8.48
C ALA A 159 -6.07 -34.57 -7.68
N LEU A 160 -7.09 -34.03 -8.37
CA LEU A 160 -8.33 -33.65 -7.70
C LEU A 160 -9.43 -34.53 -8.25
N LYS A 161 -10.30 -35.04 -7.38
CA LYS A 161 -11.31 -36.01 -7.82
C LYS A 161 -12.64 -35.71 -7.15
N SER A 162 -13.73 -35.89 -7.90
CA SER A 162 -15.04 -35.65 -7.38
C SER A 162 -15.29 -36.46 -6.11
N GLU A 163 -14.82 -37.70 -6.08
CA GLU A 163 -15.15 -38.51 -4.94
C GLU A 163 -14.42 -38.06 -3.67
N GLU A 164 -13.39 -37.23 -3.84
CA GLU A 164 -12.65 -36.75 -2.68
C GLU A 164 -13.26 -35.45 -2.16
N LEU A 165 -13.80 -34.62 -3.05
CA LEU A 165 -14.35 -33.33 -2.63
C LEU A 165 -15.85 -33.38 -2.35
N ASP A 166 -16.48 -34.55 -2.46
CA ASP A 166 -17.92 -34.53 -2.42
C ASP A 166 -18.47 -34.52 -1.01
N ILE A 167 -17.62 -34.62 0.00
CA ILE A 167 -18.11 -34.35 1.35
C ILE A 167 -18.52 -32.89 1.50
N PHE A 168 -18.07 -32.06 0.55
CA PHE A 168 -18.40 -30.63 0.53
C PHE A 168 -19.59 -30.31 -0.34
N ALA A 169 -20.40 -31.33 -0.66
CA ALA A 169 -21.56 -31.16 -1.51
C ALA A 169 -22.55 -30.12 -0.98
N ASN A 170 -22.55 -29.91 0.34
CA ASN A 170 -23.44 -28.92 0.94
C ASN A 170 -22.75 -27.64 1.42
N SER A 171 -21.48 -27.48 1.04
CA SER A 171 -20.65 -26.36 1.51
C SER A 171 -20.52 -25.30 0.45
N SER A 172 -20.49 -24.04 0.89
CA SER A 172 -20.12 -22.91 0.04
C SER A 172 -18.72 -22.42 0.39
N LEU A 173 -17.74 -22.86 -0.40
CA LEU A 173 -16.35 -22.48 -0.17
C LEU A 173 -15.97 -21.14 -0.79
N LYS A 174 -15.75 -20.15 0.08
CA LYS A 174 -15.22 -18.86 -0.33
C LYS A 174 -13.78 -19.03 -0.75
N LYS A 175 -13.05 -19.94 -0.08
CA LYS A 175 -11.66 -20.17 -0.43
C LYS A 175 -11.29 -21.65 -0.42
N LEU A 176 -10.79 -22.14 -1.54
CA LEU A 176 -10.17 -23.47 -1.61
C LEU A 176 -8.74 -23.20 -2.00
N GLU A 177 -7.83 -23.38 -1.06
CA GLU A 177 -6.46 -23.02 -1.29
C GLU A 177 -5.68 -24.29 -1.56
N LEU A 178 -5.27 -24.50 -2.80
CA LEU A 178 -4.49 -25.68 -3.18
C LEU A 178 -3.12 -25.32 -3.70
N SER A 179 -2.67 -24.11 -3.40
CA SER A 179 -1.36 -23.66 -3.83
C SER A 179 -0.25 -24.57 -3.35
N SER A 180 0.84 -24.58 -4.10
CA SER A 180 2.02 -25.40 -3.81
C SER A 180 1.72 -26.90 -3.59
N ASN A 181 0.86 -27.45 -4.43
CA ASN A 181 0.68 -28.88 -4.63
C ASN A 181 1.04 -29.19 -6.10
N GLN A 182 1.58 -30.37 -6.36
CA GLN A 182 1.98 -30.77 -7.71
C GLN A 182 0.77 -31.46 -8.40
N ILE A 183 -0.33 -30.73 -8.54
CA ILE A 183 -1.54 -31.25 -9.16
C ILE A 183 -1.38 -31.42 -10.67
N LYS A 184 -1.59 -32.63 -11.15
CA LYS A 184 -1.44 -32.95 -12.57
C LYS A 184 -2.72 -33.46 -13.24
N GLU A 185 -3.81 -33.52 -12.48
CA GLU A 185 -5.06 -34.00 -13.00
C GLU A 185 -6.24 -33.41 -12.24
N PHE A 186 -7.20 -32.89 -12.99
CA PHE A 186 -8.48 -32.38 -12.50
C PHE A 186 -9.53 -33.32 -13.08
N SER A 187 -9.83 -34.38 -12.34
CA SER A 187 -10.69 -35.44 -12.86
C SER A 187 -12.09 -34.85 -13.12
N PRO A 188 -12.69 -35.16 -14.28
CA PRO A 188 -14.01 -34.60 -14.67
C PRO A 188 -15.01 -34.53 -13.52
N GLY A 189 -15.54 -33.34 -13.27
CA GLY A 189 -16.52 -33.16 -12.17
C GLY A 189 -15.94 -32.79 -10.80
N CYS A 190 -14.61 -32.76 -10.70
CA CYS A 190 -13.99 -32.61 -9.40
C CYS A 190 -14.52 -31.36 -8.64
N PHE A 191 -14.59 -30.22 -9.30
CA PHE A 191 -15.06 -28.99 -8.65
C PHE A 191 -16.54 -28.93 -8.47
N HIS A 192 -17.28 -29.70 -9.28
CA HIS A 192 -18.71 -29.79 -9.13
C HIS A 192 -19.13 -30.57 -7.93
N ALA A 193 -18.22 -31.31 -7.31
CA ALA A 193 -18.54 -32.05 -6.10
C ALA A 193 -18.81 -31.12 -4.89
N ILE A 194 -18.37 -29.86 -4.99
CA ILE A 194 -18.50 -28.89 -3.93
C ILE A 194 -19.81 -28.12 -4.15
N GLY A 195 -20.57 -27.87 -3.09
CA GLY A 195 -21.90 -27.22 -3.19
C GLY A 195 -21.80 -25.95 -4.00
N ARG A 196 -20.96 -25.03 -3.51
CA ARG A 196 -20.58 -23.85 -4.28
C ARG A 196 -19.12 -23.52 -4.05
N LEU A 197 -18.44 -23.15 -5.12
CA LEU A 197 -17.07 -22.81 -5.03
C LEU A 197 -16.91 -21.39 -5.54
N PHE A 198 -16.46 -20.50 -4.66
CA PHE A 198 -16.27 -19.05 -5.03
C PHE A 198 -14.82 -18.65 -5.33
N GLY A 199 -13.87 -19.27 -4.63
CA GLY A 199 -12.47 -18.84 -4.76
C GLY A 199 -11.56 -20.06 -4.79
N LEU A 200 -10.66 -20.09 -5.77
CA LEU A 200 -9.73 -21.20 -5.98
C LEU A 200 -8.34 -20.63 -6.21
N PHE A 201 -7.38 -21.16 -5.45
CA PHE A 201 -5.98 -20.74 -5.51
C PHE A 201 -5.12 -21.92 -5.86
N LEU A 202 -4.37 -21.78 -6.95
CA LEU A 202 -3.45 -22.80 -7.44
C LEU A 202 -2.15 -22.06 -7.75
N ASN A 203 -1.70 -21.25 -6.79
CA ASN A 203 -0.43 -20.53 -6.96
C ASN A 203 0.69 -21.52 -6.78
N ASN A 204 1.77 -21.37 -7.53
CA ASN A 204 2.92 -22.28 -7.40
C ASN A 204 2.56 -23.75 -7.69
N VAL A 205 1.60 -23.93 -8.59
CA VAL A 205 1.23 -25.26 -9.08
C VAL A 205 1.66 -25.25 -10.53
N GLN A 206 2.55 -26.15 -10.93
CA GLN A 206 3.01 -26.21 -12.29
C GLN A 206 1.91 -26.75 -13.19
N LEU A 207 1.26 -25.88 -13.94
CA LEU A 207 0.15 -26.32 -14.77
C LEU A 207 0.56 -26.17 -16.24
N GLY A 208 0.65 -24.93 -16.69
CA GLY A 208 1.02 -24.65 -18.06
C GLY A 208 -0.27 -24.57 -18.87
N PRO A 209 -0.19 -24.04 -20.11
CA PRO A 209 -1.39 -23.76 -20.90
C PRO A 209 -2.32 -24.94 -21.09
N SER A 210 -1.77 -26.15 -21.33
CA SER A 210 -2.64 -27.32 -21.60
C SER A 210 -3.46 -27.77 -20.39
N LEU A 211 -2.81 -27.91 -19.24
CA LEU A 211 -3.56 -28.28 -18.02
C LEU A 211 -4.49 -27.17 -17.51
N THR A 212 -4.06 -25.91 -17.65
CA THR A 212 -4.91 -24.76 -17.28
C THR A 212 -6.22 -24.78 -18.05
N GLU A 213 -6.15 -25.16 -19.33
CA GLU A 213 -7.36 -25.26 -20.16
C GLU A 213 -8.32 -26.34 -19.68
N LYS A 214 -7.76 -27.48 -19.26
CA LYS A 214 -8.56 -28.56 -18.63
C LYS A 214 -9.19 -28.12 -17.32
N LEU A 215 -8.43 -27.34 -16.54
CA LEU A 215 -8.87 -26.79 -15.25
C LEU A 215 -10.08 -25.91 -15.44
N CYS A 216 -10.00 -24.98 -16.40
CA CYS A 216 -11.10 -24.04 -16.68
C CYS A 216 -12.38 -24.75 -17.13
N LEU A 217 -12.22 -25.82 -17.89
CA LEU A 217 -13.32 -26.71 -18.26
C LEU A 217 -13.98 -27.31 -17.03
N GLU A 218 -13.19 -27.75 -16.06
CA GLU A 218 -13.74 -28.22 -14.77
C GLU A 218 -14.47 -27.14 -13.96
N LEU A 219 -14.12 -25.88 -14.20
CA LEU A 219 -14.73 -24.75 -13.51
C LEU A 219 -16.02 -24.25 -14.21
N ALA A 220 -16.22 -24.68 -15.45
CA ALA A 220 -17.43 -24.34 -16.21
C ALA A 220 -18.66 -24.64 -15.37
N ASN A 221 -19.55 -23.66 -15.28
CA ASN A 221 -20.82 -23.73 -14.53
C ASN A 221 -20.68 -23.87 -13.02
N THR A 222 -19.55 -23.43 -12.46
CA THR A 222 -19.41 -23.34 -11.02
C THR A 222 -19.66 -21.89 -10.66
N SER A 223 -19.70 -21.63 -9.36
CA SER A 223 -19.90 -20.27 -8.84
C SER A 223 -18.61 -19.45 -8.75
N ILE A 224 -17.54 -19.92 -9.41
CA ILE A 224 -16.25 -19.32 -9.21
C ILE A 224 -16.25 -17.81 -9.52
N ARG A 225 -15.70 -17.00 -8.61
CA ARG A 225 -15.50 -15.56 -8.85
C ARG A 225 -14.04 -15.19 -8.93
N ASN A 226 -13.21 -15.86 -8.11
CA ASN A 226 -11.78 -15.53 -7.97
C ASN A 226 -10.93 -16.73 -8.32
N LEU A 227 -10.00 -16.55 -9.23
CA LEU A 227 -9.17 -17.66 -9.67
C LEU A 227 -7.74 -17.16 -9.64
N SER A 228 -6.89 -17.84 -8.90
CA SER A 228 -5.52 -17.38 -8.82
C SER A 228 -4.55 -18.46 -9.28
N LEU A 229 -3.74 -18.14 -10.29
CA LEU A 229 -2.80 -19.06 -10.92
C LEU A 229 -1.41 -18.44 -10.96
N SER A 230 -1.00 -17.82 -9.86
CA SER A 230 0.28 -17.13 -9.81
C SER A 230 1.42 -18.16 -9.84
N ASN A 231 2.46 -17.90 -10.65
CA ASN A 231 3.60 -18.82 -10.76
C ASN A 231 3.19 -20.27 -11.04
N SER A 232 2.34 -20.48 -12.03
CA SER A 232 1.91 -21.80 -12.39
C SER A 232 2.50 -22.23 -13.73
N GLN A 233 3.56 -21.52 -14.12
CA GLN A 233 4.23 -21.68 -15.41
C GLN A 233 3.31 -21.54 -16.61
N LEU A 234 2.47 -20.51 -16.58
CA LEU A 234 1.61 -20.23 -17.70
C LEU A 234 2.45 -19.36 -18.66
N SER A 235 3.27 -20.04 -19.44
CA SER A 235 4.26 -19.41 -20.30
C SER A 235 3.62 -18.66 -21.45
N THR A 236 2.44 -19.13 -21.86
CA THR A 236 1.72 -18.60 -23.01
C THR A 236 0.24 -18.79 -22.74
N THR A 237 -0.59 -18.01 -23.41
CA THR A 237 -2.03 -18.21 -23.39
C THR A 237 -2.51 -18.15 -24.81
N SER A 238 -3.62 -18.83 -25.07
CA SER A 238 -4.24 -18.74 -26.37
C SER A 238 -5.73 -18.53 -26.16
N ASN A 239 -6.43 -18.33 -27.26
CA ASN A 239 -7.88 -18.16 -27.26
C ASN A 239 -8.65 -19.41 -26.85
N THR A 240 -7.95 -20.50 -26.53
CA THR A 240 -8.64 -21.68 -25.98
C THR A 240 -8.38 -21.91 -24.49
N THR A 241 -7.28 -21.36 -23.96
CA THR A 241 -6.84 -21.60 -22.60
C THR A 241 -7.94 -21.34 -21.57
N PHE A 242 -8.68 -20.25 -21.72
CA PHE A 242 -9.67 -19.92 -20.68
C PHE A 242 -11.09 -20.13 -21.14
N LEU A 243 -11.24 -20.84 -22.26
CA LEU A 243 -12.57 -21.13 -22.83
C LEU A 243 -13.60 -21.69 -21.85
N GLY A 244 -13.23 -22.62 -21.00
CA GLY A 244 -14.17 -23.10 -19.99
C GLY A 244 -14.71 -22.02 -19.06
N LEU A 245 -14.00 -20.91 -18.92
CA LEU A 245 -14.47 -19.84 -18.02
C LEU A 245 -15.59 -19.01 -18.63
N LYS A 246 -15.85 -19.24 -19.91
CA LYS A 246 -17.04 -18.67 -20.55
C LYS A 246 -18.32 -19.00 -19.72
N TRP A 247 -18.39 -20.19 -19.16
CA TRP A 247 -19.54 -20.57 -18.34
C TRP A 247 -19.38 -20.21 -16.85
N THR A 248 -18.73 -19.08 -16.58
CA THR A 248 -18.60 -18.59 -15.19
C THR A 248 -18.81 -17.10 -15.18
N ASN A 249 -18.95 -16.55 -13.97
CA ASN A 249 -19.00 -15.11 -13.82
C ASN A 249 -17.71 -14.66 -13.12
N LEU A 250 -16.57 -15.20 -13.56
CA LEU A 250 -15.30 -14.92 -12.89
C LEU A 250 -15.10 -13.41 -12.85
N THR A 251 -14.72 -12.87 -11.69
CA THR A 251 -14.48 -11.42 -11.59
C THR A 251 -13.04 -11.03 -11.23
N MET A 252 -12.24 -11.95 -10.72
CA MET A 252 -10.82 -11.71 -10.40
C MET A 252 -9.99 -12.86 -10.97
N LEU A 253 -8.97 -12.52 -11.74
CA LEU A 253 -8.04 -13.52 -12.27
C LEU A 253 -6.63 -13.05 -11.94
N ASP A 254 -5.84 -13.94 -11.38
CA ASP A 254 -4.44 -13.58 -11.10
C ASP A 254 -3.52 -14.48 -11.86
N LEU A 255 -2.80 -13.90 -12.83
CA LEU A 255 -1.82 -14.60 -13.63
C LEU A 255 -0.41 -14.02 -13.43
N SER A 256 -0.18 -13.44 -12.26
CA SER A 256 1.14 -12.85 -11.97
C SER A 256 2.22 -13.93 -11.92
N TYR A 257 3.49 -13.52 -12.13
CA TYR A 257 4.66 -14.37 -11.84
C TYR A 257 4.71 -15.64 -12.67
N ASN A 258 4.22 -15.56 -13.90
CA ASN A 258 4.11 -16.73 -14.76
C ASN A 258 5.14 -16.84 -15.85
N ASN A 259 6.11 -15.92 -15.88
CA ASN A 259 7.01 -15.84 -16.99
C ASN A 259 6.22 -15.85 -18.30
N LEU A 260 5.02 -15.26 -18.25
CA LEU A 260 4.10 -15.27 -19.39
C LEU A 260 4.72 -14.45 -20.50
N ASN A 261 4.92 -15.06 -21.65
CA ASN A 261 5.65 -14.44 -22.77
C ASN A 261 4.75 -14.02 -23.95
N VAL A 262 3.84 -14.91 -24.33
CA VAL A 262 2.91 -14.68 -25.43
C VAL A 262 1.47 -14.70 -24.89
N VAL A 263 0.73 -13.60 -25.05
CA VAL A 263 -0.70 -13.56 -24.77
C VAL A 263 -1.42 -13.60 -26.10
N GLY A 264 -1.98 -14.77 -26.46
CA GLY A 264 -2.59 -14.93 -27.78
C GLY A 264 -3.78 -14.04 -27.94
N ASN A 265 -4.08 -13.61 -29.18
CA ASN A 265 -5.33 -12.91 -29.48
C ASN A 265 -6.52 -13.63 -28.90
N ASP A 266 -7.41 -12.87 -28.26
CA ASP A 266 -8.63 -13.44 -27.70
C ASP A 266 -8.41 -14.38 -26.54
N SER A 267 -7.24 -14.34 -25.88
CA SER A 267 -7.00 -15.19 -24.70
C SER A 267 -8.08 -14.97 -23.64
N PHE A 268 -8.61 -13.75 -23.56
CA PHE A 268 -9.56 -13.43 -22.47
C PHE A 268 -10.95 -13.04 -22.97
N ALA A 269 -11.26 -13.43 -24.21
CA ALA A 269 -12.58 -13.21 -24.82
C ALA A 269 -13.72 -13.79 -24.00
N TRP A 270 -13.41 -14.83 -23.22
CA TRP A 270 -14.39 -15.58 -22.47
C TRP A 270 -14.57 -15.02 -21.08
N LEU A 271 -14.04 -13.84 -20.79
CA LEU A 271 -14.16 -13.29 -19.42
C LEU A 271 -14.84 -11.91 -19.41
N PRO A 272 -16.11 -11.81 -19.94
CA PRO A 272 -16.77 -10.51 -20.01
C PRO A 272 -17.10 -9.91 -18.64
N GLN A 273 -17.11 -10.71 -17.58
CA GLN A 273 -17.42 -10.16 -16.25
C GLN A 273 -16.17 -9.83 -15.43
N LEU A 274 -15.00 -10.13 -15.96
CA LEU A 274 -13.77 -9.93 -15.18
C LEU A 274 -13.65 -8.45 -14.81
N GLU A 275 -13.42 -8.19 -13.52
CA GLU A 275 -13.22 -6.81 -13.00
C GLU A 275 -11.83 -6.51 -12.51
N TYR A 276 -11.11 -7.52 -12.00
CA TYR A 276 -9.81 -7.27 -11.34
C TYR A 276 -8.83 -8.22 -11.94
N PHE A 277 -7.81 -7.71 -12.63
CA PHE A 277 -6.93 -8.57 -13.43
C PHE A 277 -5.47 -8.29 -13.05
N PHE A 278 -4.80 -9.30 -12.50
CA PHE A 278 -3.42 -9.17 -12.06
C PHE A 278 -2.54 -9.88 -13.01
N LEU A 279 -1.75 -9.12 -13.77
CA LEU A 279 -0.79 -9.66 -14.74
C LEU A 279 0.66 -9.30 -14.40
N GLU A 280 0.86 -8.76 -13.21
CA GLU A 280 2.19 -8.26 -12.84
C GLU A 280 3.30 -9.35 -12.84
N TYR A 281 4.54 -8.93 -13.15
CA TYR A 281 5.72 -9.80 -13.09
C TYR A 281 5.64 -10.97 -14.07
N ASN A 282 5.71 -10.62 -15.34
CA ASN A 282 5.68 -11.56 -16.41
C ASN A 282 6.73 -11.16 -17.40
N ASN A 283 6.64 -11.66 -18.62
CA ASN A 283 7.72 -11.50 -19.56
C ASN A 283 7.14 -11.29 -20.94
N ILE A 284 6.12 -10.44 -21.01
CA ILE A 284 5.37 -10.31 -22.27
C ILE A 284 6.19 -9.52 -23.26
N GLN A 285 6.48 -10.15 -24.40
CA GLN A 285 7.43 -9.62 -25.38
C GLN A 285 6.72 -8.61 -26.25
N HIS A 286 5.46 -8.93 -26.60
CA HIS A 286 4.72 -8.17 -27.57
C HIS A 286 3.27 -8.33 -27.18
N LEU A 287 2.62 -7.25 -26.79
CA LEU A 287 1.18 -7.29 -26.56
C LEU A 287 0.46 -7.02 -27.88
N PHE A 288 -0.39 -7.95 -28.31
CA PHE A 288 -1.07 -7.80 -29.60
C PHE A 288 -2.32 -6.93 -29.47
N SER A 289 -2.78 -6.36 -30.58
CA SER A 289 -3.95 -5.49 -30.53
C SER A 289 -5.20 -6.18 -30.06
N HIS A 290 -5.28 -7.51 -30.19
CA HIS A 290 -6.44 -8.29 -29.67
C HIS A 290 -6.14 -9.18 -28.48
N SER A 291 -4.98 -8.99 -27.85
CA SER A 291 -4.60 -9.80 -26.70
C SER A 291 -5.62 -9.61 -25.60
N LEU A 292 -6.09 -8.39 -25.44
CA LEU A 292 -6.99 -8.06 -24.34
C LEU A 292 -8.47 -7.91 -24.77
N HIS A 293 -8.78 -8.35 -25.99
CA HIS A 293 -10.15 -8.31 -26.52
C HIS A 293 -11.14 -9.03 -25.58
N GLY A 294 -12.34 -8.45 -25.41
CA GLY A 294 -13.36 -9.02 -24.52
C GLY A 294 -13.39 -8.58 -23.06
N LEU A 295 -12.34 -7.90 -22.60
CA LEU A 295 -12.24 -7.54 -21.17
C LEU A 295 -12.98 -6.24 -20.87
N PHE A 296 -14.23 -6.17 -21.26
CA PHE A 296 -14.87 -4.84 -21.27
C PHE A 296 -15.41 -4.46 -19.89
N ASN A 297 -15.26 -5.34 -18.90
CA ASN A 297 -15.72 -5.03 -17.53
C ASN A 297 -14.60 -4.82 -16.54
N VAL A 298 -13.36 -4.95 -17.01
CA VAL A 298 -12.19 -4.84 -16.14
C VAL A 298 -12.13 -3.42 -15.59
N ARG A 299 -12.03 -3.30 -14.27
CA ARG A 299 -11.95 -2.01 -13.61
C ARG A 299 -10.54 -1.70 -13.17
N TYR A 300 -9.78 -2.78 -12.91
CA TYR A 300 -8.45 -2.68 -12.35
C TYR A 300 -7.57 -3.66 -13.11
N LEU A 301 -6.45 -3.16 -13.61
CA LEU A 301 -5.52 -3.96 -14.38
C LEU A 301 -4.12 -3.67 -13.90
N ASN A 302 -3.43 -4.72 -13.45
CA ASN A 302 -2.08 -4.51 -12.95
C ASN A 302 -1.06 -5.14 -13.90
N LEU A 303 -0.28 -4.25 -14.53
CA LEU A 303 0.75 -4.61 -15.48
C LEU A 303 2.18 -4.24 -15.01
N LYS A 304 2.37 -4.09 -13.71
CA LYS A 304 3.69 -3.77 -13.16
C LYS A 304 4.66 -4.90 -13.53
N ARG A 305 5.79 -4.53 -14.14
CA ARG A 305 6.80 -5.52 -14.62
C ARG A 305 6.22 -6.70 -15.45
N SER A 306 5.11 -6.48 -16.14
CA SER A 306 4.52 -7.55 -16.95
C SER A 306 5.26 -7.82 -18.24
N PHE A 307 6.02 -6.82 -18.72
CA PHE A 307 6.63 -6.90 -20.07
C PHE A 307 8.09 -7.29 -20.00
N THR A 308 8.60 -7.87 -21.09
CA THR A 308 9.97 -8.32 -21.12
C THR A 308 10.95 -7.15 -20.82
N LYS A 309 12.10 -7.45 -20.22
CA LYS A 309 13.09 -6.42 -19.85
C LYS A 309 14.07 -6.12 -20.99
N GLN A 310 14.93 -5.13 -20.76
CA GLN A 310 16.17 -4.83 -21.54
C GLN A 310 15.97 -3.76 -22.62
N LEU A 317 13.43 -5.25 -26.59
CA LEU A 317 12.51 -4.31 -25.92
C LEU A 317 11.07 -4.81 -26.13
N PRO A 318 10.18 -4.58 -25.13
CA PRO A 318 8.77 -4.97 -25.32
C PRO A 318 8.04 -4.09 -26.36
N LYS A 319 7.03 -4.66 -27.00
CA LYS A 319 6.28 -3.97 -28.03
C LYS A 319 4.83 -4.05 -27.58
N ILE A 320 4.16 -2.89 -27.58
CA ILE A 320 2.72 -2.83 -27.32
C ILE A 320 2.08 -2.23 -28.59
N ASP A 321 1.26 -3.03 -29.26
CA ASP A 321 0.55 -2.56 -30.45
C ASP A 321 -0.31 -1.37 -30.06
N ASP A 322 -0.39 -0.37 -30.94
CA ASP A 322 -1.44 0.66 -30.81
C ASP A 322 -2.83 0.01 -30.59
N PHE A 323 -3.70 0.70 -29.86
CA PHE A 323 -5.08 0.25 -29.61
C PHE A 323 -5.22 -1.01 -28.77
N SER A 324 -4.15 -1.45 -28.12
CA SER A 324 -4.23 -2.71 -27.32
C SER A 324 -5.17 -2.64 -26.12
N PHE A 325 -5.49 -1.43 -25.67
CA PHE A 325 -6.32 -1.25 -24.48
C PHE A 325 -7.70 -0.77 -24.84
N GLN A 326 -7.96 -0.65 -26.14
CA GLN A 326 -9.23 -0.07 -26.59
C GLN A 326 -10.47 -0.78 -26.10
N TRP A 327 -10.33 -2.07 -25.81
CA TRP A 327 -11.43 -2.87 -25.33
C TRP A 327 -11.83 -2.65 -23.89
N LEU A 328 -10.91 -2.08 -23.12
CA LEU A 328 -11.10 -2.02 -21.68
C LEU A 328 -11.95 -0.80 -21.30
N LYS A 329 -13.23 -0.84 -21.70
CA LYS A 329 -14.16 0.29 -21.59
C LYS A 329 -14.44 0.70 -20.16
N CYS A 330 -14.35 -0.23 -19.22
CA CYS A 330 -14.59 0.05 -17.80
C CYS A 330 -13.32 0.25 -16.97
N LEU A 331 -12.15 0.12 -17.59
CA LEU A 331 -10.89 0.21 -16.85
C LEU A 331 -10.76 1.57 -16.17
N GLU A 332 -10.66 1.57 -14.85
CA GLU A 332 -10.51 2.81 -14.11
C GLU A 332 -9.12 3.03 -13.54
N HIS A 333 -8.39 1.96 -13.30
CA HIS A 333 -7.12 2.03 -12.58
C HIS A 333 -6.13 1.11 -13.29
N LEU A 334 -5.15 1.72 -13.94
CA LEU A 334 -4.13 0.97 -14.68
C LEU A 334 -2.76 1.26 -14.09
N ASN A 335 -2.11 0.20 -13.60
CA ASN A 335 -0.75 0.24 -13.10
C ASN A 335 0.16 -0.35 -14.16
N MET A 336 1.02 0.47 -14.78
CA MET A 336 2.00 -0.06 -15.71
C MET A 336 3.42 0.15 -15.27
N GLU A 337 3.64 0.31 -13.98
CA GLU A 337 4.94 0.75 -13.54
C GLU A 337 6.01 -0.29 -13.77
N ASP A 338 7.25 0.17 -13.74
CA ASP A 338 8.46 -0.69 -13.84
C ASP A 338 8.47 -1.58 -15.07
N ASN A 339 8.66 -0.99 -16.23
CA ASN A 339 8.69 -1.70 -17.51
C ASN A 339 9.65 -0.97 -18.41
N ASP A 340 9.97 -1.55 -19.55
CA ASP A 340 10.89 -0.97 -20.54
C ASP A 340 10.19 -0.67 -21.86
N ILE A 341 8.98 -0.13 -21.78
CA ILE A 341 8.22 0.23 -22.99
C ILE A 341 9.00 1.38 -23.71
N PRO A 342 9.21 1.29 -25.05
CA PRO A 342 9.99 2.36 -25.74
C PRO A 342 9.49 3.79 -25.45
N GLY A 343 8.20 4.03 -25.60
CA GLY A 343 7.61 5.36 -25.45
C GLY A 343 6.10 5.19 -25.55
N ILE A 344 5.39 6.30 -25.71
CA ILE A 344 3.92 6.30 -25.77
C ILE A 344 3.50 6.59 -27.19
N LYS A 345 2.85 5.62 -27.84
CA LYS A 345 2.38 5.81 -29.23
C LYS A 345 1.11 6.65 -29.25
N SER A 346 0.76 7.16 -30.43
CA SER A 346 -0.35 8.11 -30.61
C SER A 346 -1.70 7.53 -30.26
N ASN A 347 -1.80 6.20 -30.24
CA ASN A 347 -3.02 5.51 -29.76
C ASN A 347 -2.84 4.49 -28.67
N MET A 348 -1.85 4.69 -27.80
CA MET A 348 -1.56 3.73 -26.75
C MET A 348 -2.74 3.53 -25.82
N PHE A 349 -3.35 4.61 -25.36
CA PHE A 349 -4.46 4.48 -24.40
C PHE A 349 -5.86 4.73 -24.96
N THR A 350 -5.95 4.76 -26.28
CA THR A 350 -7.22 5.01 -26.98
C THR A 350 -8.25 3.97 -26.56
N GLY A 351 -9.45 4.45 -26.25
CA GLY A 351 -10.56 3.59 -25.88
C GLY A 351 -10.82 3.52 -24.40
N LEU A 352 -9.89 4.06 -23.60
CA LEU A 352 -9.95 3.97 -22.15
C LEU A 352 -10.83 5.06 -21.58
N ILE A 353 -12.14 4.94 -21.84
CA ILE A 353 -13.08 6.04 -21.56
C ILE A 353 -13.50 6.17 -20.09
N ASN A 354 -13.01 5.26 -19.24
CA ASN A 354 -13.32 5.35 -17.82
C ASN A 354 -12.08 5.43 -16.99
N LEU A 355 -10.91 5.60 -17.63
CA LEU A 355 -9.65 5.53 -16.88
C LEU A 355 -9.50 6.77 -16.02
N LYS A 356 -9.31 6.58 -14.71
CA LYS A 356 -9.16 7.69 -13.80
C LYS A 356 -7.77 7.71 -13.20
N TYR A 357 -7.13 6.54 -13.11
CA TYR A 357 -5.82 6.46 -12.52
C TYR A 357 -4.88 5.75 -13.45
N LEU A 358 -3.72 6.35 -13.69
CA LEU A 358 -2.69 5.72 -14.55
C LEU A 358 -1.30 5.91 -13.94
N SER A 359 -0.66 4.80 -13.56
CA SER A 359 0.72 4.85 -13.13
C SER A 359 1.68 4.40 -14.23
N LEU A 360 2.55 5.34 -14.64
CA LEU A 360 3.55 5.07 -15.62
C LEU A 360 4.93 5.25 -14.98
N SER A 361 5.00 5.11 -13.65
CA SER A 361 6.25 5.26 -12.91
C SER A 361 7.28 4.24 -13.41
N ASN A 362 8.41 4.75 -13.93
CA ASN A 362 9.46 3.86 -14.42
C ASN A 362 8.96 2.82 -15.46
N SER A 363 8.06 3.26 -16.34
CA SER A 363 7.41 2.40 -17.33
C SER A 363 8.11 2.31 -18.66
N PHE A 364 9.01 3.25 -18.92
CA PHE A 364 9.61 3.40 -20.22
C PHE A 364 11.12 3.33 -20.08
N THR A 365 11.79 2.94 -21.16
CA THR A 365 13.25 2.98 -21.15
C THR A 365 13.65 4.44 -20.96
N SER A 366 13.01 5.32 -21.72
CA SER A 366 12.78 6.70 -21.23
C SER A 366 11.70 7.43 -22.05
N LEU A 367 11.31 8.56 -21.53
CA LEU A 367 10.36 9.40 -22.17
C LEU A 367 11.08 10.71 -22.04
N ARG A 368 12.14 10.88 -22.83
CA ARG A 368 13.06 12.00 -22.64
C ARG A 368 12.30 13.34 -22.72
N THR A 369 11.38 13.42 -23.67
CA THR A 369 10.71 14.68 -23.95
C THR A 369 9.22 14.44 -23.99
N LEU A 370 8.50 15.22 -23.19
CA LEU A 370 7.05 15.22 -23.22
C LEU A 370 6.65 16.25 -24.26
N THR A 371 6.14 15.78 -25.38
CA THR A 371 5.80 16.70 -26.46
C THR A 371 4.31 16.99 -26.37
N ASN A 372 3.83 17.86 -27.26
CA ASN A 372 2.40 18.11 -27.36
C ASN A 372 1.57 16.94 -27.94
N GLU A 373 2.23 15.82 -28.27
CA GLU A 373 1.54 14.61 -28.73
C GLU A 373 1.72 13.41 -27.83
N THR A 374 2.63 13.47 -26.87
CA THR A 374 2.90 12.30 -26.03
C THR A 374 1.61 11.71 -25.47
N PHE A 375 0.76 12.54 -24.86
CA PHE A 375 -0.45 12.05 -24.18
C PHE A 375 -1.78 12.12 -24.94
N VAL A 376 -1.71 12.33 -26.25
CA VAL A 376 -2.92 12.48 -27.07
C VAL A 376 -3.94 11.35 -26.91
N SER A 377 -3.45 10.11 -26.76
CA SER A 377 -4.35 8.94 -26.70
C SER A 377 -5.15 8.91 -25.40
N LEU A 378 -4.85 9.82 -24.49
CA LEU A 378 -5.59 9.94 -23.22
C LEU A 378 -6.65 11.05 -23.26
N ALA A 379 -6.79 11.70 -24.41
CA ALA A 379 -7.74 12.82 -24.54
C ALA A 379 -9.21 12.51 -24.13
N HIS A 380 -9.66 11.26 -24.30
CA HIS A 380 -11.04 10.88 -24.01
C HIS A 380 -11.16 10.02 -22.76
N SER A 381 -10.12 10.02 -21.93
CA SER A 381 -10.15 9.37 -20.62
C SER A 381 -10.44 10.43 -19.55
N PRO A 382 -11.30 10.11 -18.56
CA PRO A 382 -11.52 11.08 -17.49
C PRO A 382 -10.38 10.99 -16.45
N LEU A 383 -9.15 11.18 -16.91
CA LEU A 383 -8.00 10.85 -16.09
C LEU A 383 -7.84 11.86 -14.96
N HIS A 384 -7.74 11.35 -13.72
CA HIS A 384 -7.51 12.22 -12.56
C HIS A 384 -6.10 12.16 -11.98
N ILE A 385 -5.47 10.99 -12.08
CA ILE A 385 -4.14 10.79 -11.51
C ILE A 385 -3.19 10.21 -12.56
N LEU A 386 -2.03 10.85 -12.73
CA LEU A 386 -1.05 10.40 -13.70
C LEU A 386 0.30 10.41 -13.01
N ASN A 387 0.90 9.23 -12.89
CA ASN A 387 2.19 9.13 -12.23
C ASN A 387 3.24 8.92 -13.28
N LEU A 388 4.17 9.88 -13.39
CA LEU A 388 5.25 9.85 -14.39
C LEU A 388 6.66 9.83 -13.76
N THR A 389 6.75 9.42 -12.51
CA THR A 389 8.05 9.40 -11.83
C THR A 389 9.01 8.46 -12.51
N LYS A 390 10.30 8.78 -12.36
CA LYS A 390 11.38 7.83 -12.64
C LYS A 390 11.40 7.40 -14.08
N ASN A 391 11.13 8.34 -14.97
CA ASN A 391 11.17 8.03 -16.39
C ASN A 391 12.30 8.77 -17.11
N LYS A 392 13.25 9.30 -16.33
CA LYS A 392 14.41 10.05 -16.87
C LYS A 392 13.95 11.12 -17.84
N ILE A 393 12.80 11.72 -17.55
CA ILE A 393 12.29 12.84 -18.33
C ILE A 393 13.18 14.05 -18.15
N SER A 394 13.61 14.65 -19.26
CA SER A 394 14.43 15.84 -19.14
C SER A 394 13.75 17.13 -19.61
N LYS A 395 12.71 17.02 -20.41
CA LYS A 395 12.15 18.23 -21.06
C LYS A 395 10.64 18.11 -21.18
N ILE A 396 9.91 19.13 -20.73
CA ILE A 396 8.45 19.20 -20.95
C ILE A 396 8.18 20.37 -21.89
N GLU A 397 7.64 20.06 -23.06
CA GLU A 397 7.32 21.06 -24.04
C GLU A 397 5.98 21.68 -23.76
N SER A 398 5.70 22.79 -24.43
CA SER A 398 4.42 23.46 -24.34
C SER A 398 3.29 22.49 -24.68
N ASP A 399 2.17 22.61 -23.95
CA ASP A 399 0.97 21.79 -24.24
C ASP A 399 1.13 20.26 -24.10
N ALA A 400 2.11 19.83 -23.29
CA ALA A 400 2.31 18.40 -23.07
C ALA A 400 1.07 17.74 -22.43
N PHE A 401 0.30 18.50 -21.66
CA PHE A 401 -0.81 17.93 -20.86
C PHE A 401 -2.16 18.50 -21.22
N SER A 402 -2.25 19.13 -22.37
CA SER A 402 -3.49 19.76 -22.82
C SER A 402 -4.62 18.76 -23.02
N TRP A 403 -4.27 17.48 -23.15
CA TRP A 403 -5.25 16.43 -23.39
C TRP A 403 -5.94 16.04 -22.10
N LEU A 404 -5.46 16.58 -20.98
CA LEU A 404 -5.77 16.05 -19.65
C LEU A 404 -6.53 17.05 -18.79
N GLY A 405 -7.62 17.56 -19.33
CA GLY A 405 -8.39 18.65 -18.71
C GLY A 405 -9.05 18.28 -17.38
N HIS A 406 -9.15 16.97 -17.11
CA HIS A 406 -9.69 16.50 -15.82
C HIS A 406 -8.63 16.11 -14.82
N LEU A 407 -7.37 16.27 -15.17
CA LEU A 407 -6.32 15.75 -14.29
C LEU A 407 -6.28 16.56 -12.99
N GLU A 408 -6.14 15.85 -11.88
CA GLU A 408 -6.06 16.44 -10.57
C GLU A 408 -4.68 16.33 -9.99
N VAL A 409 -4.02 15.20 -10.21
CA VAL A 409 -2.68 14.95 -9.62
C VAL A 409 -1.72 14.54 -10.75
N LEU A 410 -0.61 15.26 -10.84
CA LEU A 410 0.40 15.00 -11.85
C LEU A 410 1.69 14.83 -11.10
N ASP A 411 2.23 13.62 -11.10
CA ASP A 411 3.50 13.38 -10.43
C ASP A 411 4.64 13.27 -11.45
N LEU A 412 5.47 14.30 -11.45
CA LEU A 412 6.64 14.41 -12.32
C LEU A 412 7.97 14.34 -11.52
N GLY A 413 7.90 13.91 -10.27
CA GLY A 413 9.08 13.86 -9.44
C GLY A 413 10.06 12.80 -9.91
N LEU A 414 11.30 12.89 -9.43
CA LEU A 414 12.28 11.80 -9.63
C LEU A 414 12.50 11.61 -11.13
N ASN A 415 12.65 12.73 -11.82
CA ASN A 415 13.04 12.66 -13.20
C ASN A 415 14.35 13.39 -13.39
N GLU A 416 14.62 13.85 -14.59
CA GLU A 416 15.86 14.60 -14.81
C GLU A 416 15.51 15.93 -15.52
N ILE A 417 14.41 16.55 -15.10
CA ILE A 417 13.87 17.71 -15.86
C ILE A 417 14.79 18.90 -15.63
N GLY A 418 15.26 19.50 -16.71
CA GLY A 418 16.18 20.62 -16.59
C GLY A 418 15.70 21.64 -17.58
N GLN A 419 15.00 22.66 -17.09
CA GLN A 419 14.46 23.64 -18.01
C GLN A 419 13.92 24.88 -17.29
N GLU A 420 13.69 25.94 -18.06
CA GLU A 420 12.81 27.01 -17.62
C GLU A 420 11.36 26.56 -17.75
N LEU A 421 10.56 26.82 -16.73
CA LEU A 421 9.10 26.58 -16.84
C LEU A 421 8.50 27.84 -17.41
N THR A 422 8.17 27.81 -18.70
CA THR A 422 7.58 28.99 -19.34
C THR A 422 6.14 29.19 -18.83
N GLY A 423 5.51 28.10 -18.38
CA GLY A 423 4.14 28.20 -17.95
C GLY A 423 3.20 27.56 -18.96
N GLN A 424 3.67 27.44 -20.22
CA GLN A 424 2.90 26.75 -21.30
C GLN A 424 2.81 25.22 -21.16
N GLU A 425 3.72 24.67 -20.37
CA GLU A 425 3.77 23.25 -20.05
C GLU A 425 2.42 22.81 -19.48
N TRP A 426 1.74 23.74 -18.79
CA TRP A 426 0.55 23.37 -18.03
C TRP A 426 -0.77 23.70 -18.70
N ARG A 427 -0.72 24.20 -19.94
CA ARG A 427 -1.95 24.60 -20.63
C ARG A 427 -2.93 23.43 -20.69
N GLY A 428 -4.22 23.71 -20.48
CA GLY A 428 -5.27 22.63 -20.55
C GLY A 428 -5.54 21.94 -19.20
N LEU A 429 -4.70 22.19 -18.21
CA LEU A 429 -4.84 21.53 -16.91
C LEU A 429 -5.84 22.25 -16.00
N GLU A 430 -7.10 22.24 -16.41
CA GLU A 430 -8.16 23.05 -15.81
C GLU A 430 -8.53 22.62 -14.42
N ASN A 431 -8.26 21.35 -14.10
CA ASN A 431 -8.67 20.80 -12.82
C ASN A 431 -7.53 20.40 -11.90
N ILE A 432 -6.31 20.81 -12.24
CA ILE A 432 -5.14 20.38 -11.49
C ILE A 432 -5.24 20.80 -10.01
N PHE A 433 -4.90 19.86 -9.13
CA PHE A 433 -4.95 20.09 -7.70
C PHE A 433 -3.51 20.00 -7.18
N GLU A 434 -2.73 19.07 -7.72
CA GLU A 434 -1.38 18.91 -7.21
C GLU A 434 -0.42 18.68 -8.35
N ILE A 435 0.70 19.39 -8.33
CA ILE A 435 1.84 19.06 -9.20
C ILE A 435 3.08 18.77 -8.34
N TYR A 436 3.60 17.58 -8.53
CA TYR A 436 4.77 17.14 -7.81
C TYR A 436 5.95 17.23 -8.79
N LEU A 437 6.92 18.10 -8.51
CA LEU A 437 8.10 18.25 -9.39
C LEU A 437 9.42 17.98 -8.64
N SER A 438 9.33 17.56 -7.38
CA SER A 438 10.52 17.34 -6.57
C SER A 438 11.50 16.34 -7.19
N TYR A 439 12.78 16.57 -6.97
CA TYR A 439 13.89 15.70 -7.44
C TYR A 439 13.97 15.71 -8.94
N ASN A 440 14.34 16.86 -9.48
CA ASN A 440 14.62 16.98 -10.88
C ASN A 440 15.93 17.73 -11.01
N LYS A 441 16.43 17.93 -12.22
CA LYS A 441 17.79 18.42 -12.35
C LYS A 441 17.90 19.94 -12.12
N TYR A 442 17.09 20.73 -12.84
CA TYR A 442 16.94 22.16 -12.55
C TYR A 442 15.62 22.70 -13.09
N LEU A 443 15.00 23.58 -12.32
CA LEU A 443 13.82 24.32 -12.79
C LEU A 443 14.01 25.79 -12.59
N GLN A 444 13.97 26.53 -13.69
CA GLN A 444 14.04 27.96 -13.62
C GLN A 444 12.61 28.54 -13.79
N LEU A 445 12.19 29.38 -12.85
CA LEU A 445 10.82 29.88 -12.87
C LEU A 445 10.77 31.21 -13.56
N THR A 446 9.59 31.60 -14.02
CA THR A 446 9.32 32.97 -14.50
C THR A 446 8.02 33.37 -13.81
N ARG A 447 7.63 34.62 -13.96
CA ARG A 447 6.35 35.11 -13.45
C ARG A 447 5.15 34.34 -13.98
N ASN A 448 5.35 33.64 -15.10
CA ASN A 448 4.27 32.95 -15.78
C ASN A 448 4.25 31.42 -15.59
N SER A 449 5.23 30.88 -14.84
CA SER A 449 5.44 29.42 -14.69
C SER A 449 4.19 28.64 -14.30
N PHE A 450 3.35 29.26 -13.48
CA PHE A 450 2.16 28.60 -12.97
C PHE A 450 0.86 29.39 -13.20
N ALA A 451 0.90 30.43 -14.02
CA ALA A 451 -0.30 31.22 -14.29
C ALA A 451 -1.48 30.47 -14.93
N LEU A 452 -1.20 29.41 -15.69
CA LEU A 452 -2.26 28.70 -16.38
C LEU A 452 -2.96 27.69 -15.47
N VAL A 453 -2.47 27.54 -14.23
CA VAL A 453 -3.06 26.58 -13.32
C VAL A 453 -3.47 27.22 -11.96
N PRO A 454 -4.38 28.23 -11.98
CA PRO A 454 -4.80 28.95 -10.76
C PRO A 454 -5.59 28.05 -9.77
N SER A 455 -5.99 26.86 -10.20
CA SER A 455 -6.68 25.91 -9.32
C SER A 455 -5.69 25.12 -8.43
N LEU A 456 -4.39 25.26 -8.70
CA LEU A 456 -3.40 24.44 -8.00
C LEU A 456 -3.46 24.66 -6.47
N GLN A 457 -3.43 23.56 -5.73
CA GLN A 457 -3.40 23.67 -4.28
C GLN A 457 -2.10 23.14 -3.67
N ARG A 458 -1.43 22.21 -4.34
CA ARG A 458 -0.17 21.66 -3.83
C ARG A 458 0.90 21.65 -4.91
N LEU A 459 2.05 22.16 -4.56
CA LEU A 459 3.13 22.32 -5.50
C LEU A 459 4.42 21.92 -4.78
N MET A 460 5.05 20.83 -5.23
CA MET A 460 6.24 20.32 -4.55
C MET A 460 7.37 20.59 -5.50
N LEU A 461 8.36 21.39 -5.04
CA LEU A 461 9.55 21.76 -5.83
C LEU A 461 10.81 21.53 -4.99
N ARG A 462 10.84 20.39 -4.31
CA ARG A 462 11.94 20.08 -3.44
C ARG A 462 13.09 19.60 -4.28
N ARG A 463 14.24 20.17 -4.01
CA ARG A 463 15.50 19.67 -4.57
C ARG A 463 15.47 19.68 -6.10
N VAL A 464 15.17 20.86 -6.66
CA VAL A 464 15.16 21.03 -8.13
C VAL A 464 16.09 22.14 -8.59
N ALA A 465 17.09 22.49 -7.77
CA ALA A 465 18.00 23.62 -8.09
C ALA A 465 17.22 24.85 -8.55
N LEU A 466 16.18 25.16 -7.79
CA LEU A 466 15.13 26.10 -8.20
C LEU A 466 15.68 27.54 -8.36
N LYS A 467 15.51 28.11 -9.56
CA LYS A 467 15.98 29.48 -9.84
C LYS A 467 14.81 30.42 -10.08
N ASN A 468 15.05 31.69 -9.74
CA ASN A 468 14.14 32.80 -9.95
C ASN A 468 12.80 32.76 -9.23
N VAL A 469 12.78 32.30 -7.96
CA VAL A 469 11.60 32.47 -7.12
C VAL A 469 11.41 33.94 -6.78
N ASP A 470 12.50 34.69 -6.91
CA ASP A 470 12.50 36.13 -6.73
C ASP A 470 12.08 36.90 -8.01
N SER A 471 11.24 36.30 -8.85
CA SER A 471 10.52 37.00 -9.93
C SER A 471 9.72 38.14 -9.33
N SER A 472 9.34 39.09 -10.19
CA SER A 472 9.02 40.46 -9.79
C SER A 472 7.55 40.72 -9.44
N PRO A 473 6.57 40.15 -10.24
CA PRO A 473 5.48 39.47 -9.54
C PRO A 473 5.98 38.02 -9.35
N SER A 474 5.85 37.52 -8.13
CA SER A 474 6.25 36.19 -7.78
C SER A 474 5.70 35.10 -8.76
N PRO A 475 6.47 34.01 -9.03
CA PRO A 475 5.90 32.87 -9.80
C PRO A 475 4.64 32.27 -9.16
N PHE A 476 4.47 32.51 -7.85
CA PHE A 476 3.36 31.91 -7.09
C PHE A 476 2.15 32.80 -6.95
N GLN A 477 2.30 34.03 -7.40
CA GLN A 477 1.25 35.05 -7.30
C GLN A 477 -0.14 34.57 -7.79
N PRO A 478 -0.20 33.85 -8.93
CA PRO A 478 -1.47 33.38 -9.45
C PRO A 478 -2.13 32.27 -8.65
N LEU A 479 -1.44 31.71 -7.67
CA LEU A 479 -1.93 30.46 -7.08
C LEU A 479 -2.60 30.74 -5.76
N ARG A 480 -3.73 31.46 -5.80
CA ARG A 480 -4.37 31.95 -4.59
C ARG A 480 -4.95 30.84 -3.72
N ASN A 481 -5.14 29.66 -4.31
CA ASN A 481 -5.67 28.53 -3.55
C ASN A 481 -4.59 27.60 -3.06
N LEU A 482 -3.32 27.97 -3.23
CA LEU A 482 -2.24 27.10 -2.84
C LEU A 482 -2.32 26.82 -1.31
N THR A 483 -2.25 25.55 -0.93
CA THR A 483 -2.23 25.20 0.50
C THR A 483 -0.91 24.59 0.96
N ILE A 484 -0.18 23.97 0.02
CA ILE A 484 1.12 23.36 0.29
C ILE A 484 2.16 23.85 -0.76
N LEU A 485 3.28 24.37 -0.26
CA LEU A 485 4.38 24.76 -1.14
C LEU A 485 5.67 24.22 -0.55
N ASP A 486 6.31 23.30 -1.27
CA ASP A 486 7.57 22.77 -0.80
C ASP A 486 8.72 23.33 -1.63
N LEU A 487 9.53 24.19 -1.01
CA LEU A 487 10.66 24.82 -1.72
C LEU A 487 11.96 24.41 -1.15
N SER A 488 11.96 23.27 -0.46
CA SER A 488 13.10 22.86 0.35
C SER A 488 14.26 22.36 -0.50
N ASN A 489 15.47 22.49 0.04
CA ASN A 489 16.66 21.87 -0.57
C ASN A 489 17.00 22.43 -1.92
N ASN A 490 16.80 23.73 -2.09
CA ASN A 490 17.14 24.41 -3.34
C ASN A 490 18.28 25.39 -3.27
N ASN A 491 18.89 25.51 -2.11
CA ASN A 491 19.93 26.50 -1.85
C ASN A 491 19.52 27.92 -2.24
N ILE A 492 18.26 28.27 -2.00
CA ILE A 492 17.74 29.56 -2.36
C ILE A 492 18.29 30.57 -1.36
N ALA A 493 18.86 31.65 -1.88
CA ALA A 493 19.36 32.76 -1.12
C ALA A 493 18.46 33.98 -1.28
N ASN A 494 17.82 34.13 -2.43
CA ASN A 494 17.09 35.36 -2.71
C ASN A 494 15.57 35.14 -2.75
N ILE A 495 14.86 35.75 -1.82
CA ILE A 495 13.38 35.72 -1.81
C ILE A 495 12.95 37.19 -1.62
N ASN A 496 11.85 37.61 -2.26
CA ASN A 496 11.33 38.95 -2.10
C ASN A 496 10.23 38.91 -1.04
N ASP A 497 9.93 40.04 -0.47
CA ASP A 497 8.91 40.01 0.55
C ASP A 497 7.51 39.61 0.04
N ASP A 498 7.23 39.87 -1.24
CA ASP A 498 5.92 39.49 -1.86
C ASP A 498 5.86 38.14 -2.56
N MET A 499 6.84 37.30 -2.28
CA MET A 499 6.87 35.96 -2.86
C MET A 499 5.56 35.20 -2.66
N LEU A 500 5.02 35.31 -1.44
CA LEU A 500 3.80 34.59 -1.07
C LEU A 500 2.63 35.53 -0.78
N GLU A 501 2.73 36.76 -1.27
CA GLU A 501 1.62 37.71 -1.15
C GLU A 501 0.38 37.17 -1.83
N GLY A 502 -0.77 37.38 -1.17
CA GLY A 502 -2.07 36.91 -1.64
C GLY A 502 -2.33 35.42 -1.44
N LEU A 503 -1.38 34.71 -0.82
CA LEU A 503 -1.51 33.26 -0.55
C LEU A 503 -2.02 32.99 0.88
N GLU A 504 -3.18 33.57 1.18
CA GLU A 504 -3.82 33.47 2.49
C GLU A 504 -4.29 32.08 2.80
N LYS A 505 -4.39 31.20 1.81
CA LYS A 505 -4.79 29.81 2.09
C LYS A 505 -3.62 28.88 2.38
N LEU A 506 -2.39 29.39 2.29
CA LEU A 506 -1.22 28.54 2.40
C LEU A 506 -1.16 27.94 3.81
N GLU A 507 -1.02 26.62 3.92
CA GLU A 507 -1.01 25.92 5.22
C GLU A 507 0.30 25.28 5.60
N ILE A 508 1.06 24.88 4.57
CA ILE A 508 2.35 24.21 4.71
C ILE A 508 3.39 24.89 3.82
N LEU A 509 4.46 25.36 4.44
CA LEU A 509 5.54 25.98 3.71
C LEU A 509 6.84 25.33 4.14
N ASP A 510 7.51 24.65 3.21
CA ASP A 510 8.84 24.05 3.45
C ASP A 510 9.91 24.84 2.78
N LEU A 511 10.80 25.44 3.58
CA LEU A 511 11.92 26.23 3.11
C LEU A 511 13.23 25.72 3.71
N GLN A 512 13.25 24.51 4.25
CA GLN A 512 14.48 24.02 4.87
C GLN A 512 15.56 23.78 3.82
N HIS A 513 16.81 23.77 4.29
CA HIS A 513 17.99 23.55 3.44
C HIS A 513 18.04 24.52 2.29
N ASN A 514 17.88 25.79 2.63
CA ASN A 514 18.11 26.86 1.69
C ASN A 514 19.19 27.73 2.27
N ASN A 515 19.39 28.93 1.71
CA ASN A 515 20.44 29.81 2.18
C ASN A 515 19.89 31.19 2.49
N LEU A 516 18.91 31.22 3.37
CA LEU A 516 18.13 32.45 3.62
C LEU A 516 18.66 33.31 4.76
N ALA A 517 19.76 32.89 5.40
CA ALA A 517 20.30 33.57 6.60
C ALA A 517 20.33 35.08 6.48
N ARG A 518 20.94 35.56 5.40
CA ARG A 518 21.12 36.99 5.19
C ARG A 518 19.81 37.79 5.23
N LEU A 519 18.73 37.21 4.67
CA LEU A 519 17.44 37.93 4.54
C LEU A 519 16.87 38.34 5.86
N TRP A 520 17.28 37.65 6.92
CA TRP A 520 16.77 37.90 8.26
C TRP A 520 17.79 38.57 9.18
N LYS A 521 18.96 38.91 8.64
CA LYS A 521 19.91 39.73 9.42
C LYS A 521 19.47 41.18 9.40
N HIS A 522 19.66 41.92 10.49
CA HIS A 522 19.15 43.33 10.52
C HIS A 522 19.95 44.22 9.57
N ALA A 523 21.20 43.77 9.29
CA ALA A 523 22.11 44.34 8.32
C ALA A 523 21.81 44.02 6.87
N ASN A 524 20.86 43.13 6.59
CA ASN A 524 20.51 42.93 5.18
C ASN A 524 20.26 44.33 4.60
N PRO A 525 20.93 44.68 3.47
CA PRO A 525 20.62 45.95 2.78
C PRO A 525 19.13 46.06 2.42
N GLY A 526 18.51 47.19 2.75
CA GLY A 526 17.06 47.34 2.57
C GLY A 526 16.29 46.86 3.79
N GLY A 527 16.98 46.20 4.72
CA GLY A 527 16.33 45.63 5.88
C GLY A 527 15.88 44.22 5.58
N PRO A 528 15.47 43.50 6.62
CA PRO A 528 15.11 42.10 6.57
C PRO A 528 13.91 41.86 5.65
N ILE A 529 13.77 40.63 5.18
CA ILE A 529 12.73 40.34 4.22
C ILE A 529 11.61 39.60 4.97
N TYR A 530 10.44 40.26 5.04
CA TYR A 530 9.28 39.75 5.74
C TYR A 530 8.43 38.88 4.83
N PHE A 531 8.97 37.75 4.41
CA PHE A 531 8.28 36.93 3.43
C PHE A 531 7.16 36.05 4.01
N LEU A 532 6.96 36.07 5.32
CA LEU A 532 5.83 35.33 5.92
C LEU A 532 4.65 36.21 6.23
N LYS A 533 4.69 37.42 5.74
CA LYS A 533 3.60 38.35 6.01
C LYS A 533 2.29 37.89 5.37
N GLY A 534 1.17 38.08 6.09
CA GLY A 534 -0.14 37.79 5.58
C GLY A 534 -0.52 36.32 5.55
N LEU A 535 0.34 35.42 6.03
CA LEU A 535 0.09 33.97 5.91
C LEU A 535 -0.72 33.48 7.09
N SER A 536 -1.95 33.94 7.12
CA SER A 536 -2.76 33.79 8.32
C SER A 536 -3.25 32.34 8.55
N HIS A 537 -3.28 31.50 7.52
CA HIS A 537 -3.67 30.10 7.68
C HIS A 537 -2.48 29.14 7.68
N LEU A 538 -1.30 29.70 7.77
CA LEU A 538 -0.09 28.84 7.80
C LEU A 538 -0.12 28.00 9.08
N HIS A 539 0.02 26.67 8.94
CA HIS A 539 0.01 25.71 10.02
C HIS A 539 1.34 25.07 10.32
N ILE A 540 2.10 24.79 9.24
CA ILE A 540 3.39 24.13 9.38
C ILE A 540 4.39 24.95 8.60
N LEU A 541 5.45 25.31 9.31
CA LEU A 541 6.53 26.08 8.74
C LEU A 541 7.91 25.44 9.03
N ASN A 542 8.54 24.95 7.98
CA ASN A 542 9.91 24.41 8.09
C ASN A 542 10.97 25.36 7.60
N LEU A 543 11.74 25.90 8.55
CA LEU A 543 12.89 26.76 8.26
C LEU A 543 14.24 26.13 8.72
N GLU A 544 14.28 24.81 8.84
CA GLU A 544 15.55 24.19 9.26
C GLU A 544 16.71 24.47 8.30
N SER A 545 17.94 24.47 8.81
CA SER A 545 19.17 24.42 8.01
C SER A 545 19.22 25.53 6.97
N ASN A 546 19.14 26.77 7.44
CA ASN A 546 19.29 27.91 6.58
C ASN A 546 20.37 28.85 7.03
N GLY A 547 21.12 28.46 8.07
CA GLY A 547 22.15 29.36 8.58
C GLY A 547 21.66 30.56 9.34
N PHE A 548 20.36 30.60 9.69
CA PHE A 548 19.87 31.73 10.49
C PHE A 548 20.68 31.94 11.81
N ASP A 549 21.15 33.15 12.01
CA ASP A 549 21.63 33.53 13.32
C ASP A 549 21.00 34.82 13.84
N GLU A 550 19.83 35.16 13.30
CA GLU A 550 19.06 36.31 13.74
C GLU A 550 17.67 36.08 13.22
N ILE A 551 16.66 36.52 13.98
CA ILE A 551 15.24 36.46 13.57
C ILE A 551 14.70 37.87 13.83
N PRO A 552 14.24 38.58 12.78
CA PRO A 552 13.63 39.91 13.01
C PRO A 552 12.38 39.76 13.88
N VAL A 553 12.12 40.71 14.78
CA VAL A 553 11.04 40.51 15.79
C VAL A 553 9.65 40.35 15.15
N GLU A 554 9.48 40.94 13.97
CA GLU A 554 8.13 40.91 13.32
C GLU A 554 7.87 39.83 12.27
N VAL A 555 8.78 38.85 12.06
CA VAL A 555 8.64 37.88 10.96
C VAL A 555 7.52 36.87 11.07
N PHE A 556 7.10 36.53 12.29
CA PHE A 556 5.92 35.64 12.48
C PHE A 556 4.66 36.36 12.93
N LYS A 557 4.63 37.66 12.71
CA LYS A 557 3.62 38.47 13.30
C LYS A 557 2.18 38.17 12.80
N ASP A 558 2.06 37.64 11.58
CA ASP A 558 0.76 37.29 11.03
C ASP A 558 0.41 35.86 11.23
N LEU A 559 1.27 35.09 11.91
CA LEU A 559 1.07 33.65 11.89
C LEU A 559 0.30 33.15 13.09
N PHE A 560 -0.96 33.62 13.20
CA PHE A 560 -1.81 33.31 14.33
C PHE A 560 -2.22 31.85 14.38
N GLU A 561 -2.32 31.19 13.21
CA GLU A 561 -2.68 29.79 13.14
C GLU A 561 -1.51 28.81 13.13
N LEU A 562 -0.27 29.31 13.16
CA LEU A 562 0.90 28.42 13.08
C LEU A 562 0.84 27.39 14.21
N LYS A 563 0.93 26.12 13.86
CA LYS A 563 0.89 25.02 14.83
C LYS A 563 2.25 24.36 15.10
N ILE A 564 3.09 24.27 14.04
CA ILE A 564 4.41 23.63 14.04
C ILE A 564 5.40 24.57 13.38
N ILE A 565 6.44 24.91 14.13
CA ILE A 565 7.56 25.59 13.56
C ILE A 565 8.88 24.79 13.76
N ASP A 566 9.61 24.66 12.66
CA ASP A 566 10.88 23.94 12.63
C ASP A 566 11.96 24.96 12.30
N LEU A 567 12.67 25.38 13.33
CA LEU A 567 13.79 26.29 13.25
C LEU A 567 15.11 25.58 13.66
N GLY A 568 15.04 24.26 13.83
CA GLY A 568 16.24 23.47 14.13
C GLY A 568 17.36 23.63 13.12
N LEU A 569 18.57 23.20 13.52
CA LEU A 569 19.79 23.16 12.66
C LEU A 569 20.05 24.48 11.99
N ASN A 570 19.91 25.53 12.78
CA ASN A 570 20.35 26.86 12.43
C ASN A 570 21.46 27.27 13.43
N ASN A 571 21.85 28.53 13.41
CA ASN A 571 22.89 29.04 14.28
C ASN A 571 22.28 30.13 15.17
N LEU A 572 21.05 29.88 15.65
CA LEU A 572 20.39 30.84 16.52
C LEU A 572 20.84 30.75 17.99
N ASN A 573 20.96 31.90 18.60
CA ASN A 573 21.08 32.00 20.05
C ASN A 573 20.07 33.03 20.54
N THR A 574 20.39 34.30 20.31
CA THR A 574 19.63 35.40 20.82
C THR A 574 18.39 35.60 19.95
N LEU A 575 17.24 35.62 20.63
CA LEU A 575 15.93 35.83 20.00
C LEU A 575 15.34 37.10 20.59
N PRO A 576 14.71 37.95 19.76
CA PRO A 576 14.24 39.17 20.39
C PRO A 576 12.96 38.90 21.16
N ALA A 577 12.80 39.61 22.27
CA ALA A 577 11.60 39.59 23.07
C ALA A 577 10.38 39.88 22.16
N SER A 578 9.34 39.08 22.32
CA SER A 578 8.01 39.33 21.66
C SER A 578 7.91 38.64 20.31
N VAL A 579 9.00 37.95 19.89
CA VAL A 579 9.06 37.28 18.58
C VAL A 579 7.96 36.21 18.33
N PHE A 580 7.59 35.50 19.40
CA PHE A 580 6.59 34.47 19.35
C PHE A 580 5.26 34.94 19.96
N ASN A 581 5.14 36.25 20.21
CA ASN A 581 3.91 36.78 20.84
C ASN A 581 2.59 36.59 20.12
N ASN A 582 2.61 36.47 18.78
CA ASN A 582 1.32 36.24 18.04
C ASN A 582 1.13 34.76 17.76
N GLN A 583 2.05 33.93 18.25
CA GLN A 583 1.98 32.52 17.99
C GLN A 583 0.95 31.80 18.89
N VAL A 584 -0.33 32.20 18.80
CA VAL A 584 -1.32 31.76 19.79
C VAL A 584 -1.77 30.32 19.57
N SER A 585 -1.46 29.75 18.42
CA SER A 585 -1.90 28.39 18.11
C SER A 585 -0.73 27.36 18.18
N LEU A 586 0.43 27.81 18.53
CA LEU A 586 1.62 26.94 18.38
C LEU A 586 1.56 25.73 19.31
N LYS A 587 1.65 24.54 18.73
CA LYS A 587 1.67 23.25 19.44
C LYS A 587 3.06 22.57 19.50
N SER A 588 3.88 22.71 18.45
CA SER A 588 5.28 22.19 18.44
C SER A 588 6.29 23.24 18.07
N LEU A 589 7.28 23.43 18.94
CA LEU A 589 8.33 24.37 18.71
C LEU A 589 9.65 23.60 18.61
N ASN A 590 10.28 23.65 17.45
CA ASN A 590 11.52 22.91 17.22
C ASN A 590 12.66 23.83 16.96
N LEU A 591 13.59 23.81 17.92
CA LEU A 591 14.80 24.61 17.87
C LEU A 591 16.06 23.77 18.15
N GLN A 592 15.98 22.47 17.86
CA GLN A 592 17.15 21.58 18.07
C GLN A 592 18.42 22.04 17.32
N LYS A 593 19.59 21.80 17.93
CA LYS A 593 20.89 21.92 17.26
C LYS A 593 21.15 23.32 16.79
N ASN A 594 20.81 24.29 17.63
CA ASN A 594 21.15 25.67 17.37
C ASN A 594 22.31 26.08 18.30
N LEU A 595 22.49 27.39 18.50
CA LEU A 595 23.47 27.87 19.46
C LEU A 595 22.80 28.50 20.69
N ILE A 596 21.67 27.92 21.14
CA ILE A 596 20.91 28.56 22.21
C ILE A 596 21.59 28.37 23.60
N THR A 597 21.94 29.48 24.24
CA THR A 597 22.50 29.44 25.61
C THR A 597 21.47 29.77 26.70
N SER A 598 20.39 30.46 26.31
CA SER A 598 19.41 30.90 27.27
C SER A 598 17.97 30.69 26.76
N VAL A 599 17.04 30.70 27.69
CA VAL A 599 15.65 30.42 27.39
C VAL A 599 14.86 31.33 28.36
N GLU A 600 14.79 32.63 28.02
CA GLU A 600 14.08 33.64 28.81
C GLU A 600 12.57 33.78 28.52
N LYS A 601 11.82 34.16 29.56
CA LYS A 601 10.38 34.21 29.43
C LYS A 601 9.95 35.23 28.39
N LYS A 602 10.62 36.37 28.36
CA LYS A 602 10.34 37.42 27.37
C LYS A 602 10.33 36.98 25.90
N VAL A 603 10.92 35.82 25.59
CA VAL A 603 10.85 35.21 24.26
C VAL A 603 9.92 33.99 24.28
N PHE A 604 10.18 33.10 25.21
CA PHE A 604 9.60 31.76 25.14
C PHE A 604 8.28 31.56 25.89
N GLY A 605 8.00 32.46 26.84
CA GLY A 605 6.73 32.48 27.61
C GLY A 605 5.51 32.19 26.75
N PRO A 606 5.18 33.12 25.83
CA PRO A 606 4.05 32.83 24.89
C PRO A 606 4.22 31.63 23.93
N ALA A 607 5.45 31.31 23.51
CA ALA A 607 5.65 30.11 22.69
C ALA A 607 5.36 28.81 23.47
N PHE A 608 5.65 28.79 24.76
CA PHE A 608 5.57 27.56 25.54
C PHE A 608 4.16 27.37 26.04
N ARG A 609 3.44 28.51 26.14
CA ARG A 609 2.06 28.57 26.67
C ARG A 609 1.22 27.33 26.33
N ASN A 610 1.14 27.02 25.04
CA ASN A 610 0.23 25.98 24.55
C ASN A 610 0.86 24.74 23.92
N LEU A 611 2.17 24.56 24.10
CA LEU A 611 2.88 23.49 23.38
C LEU A 611 2.51 22.13 23.88
N THR A 612 2.31 21.22 22.96
CA THR A 612 2.22 19.81 23.30
C THR A 612 3.59 19.12 23.09
N GLU A 613 4.53 19.79 22.42
CA GLU A 613 5.86 19.22 22.05
C GLU A 613 6.92 20.31 22.00
N LEU A 614 8.08 20.07 22.63
CA LEU A 614 9.22 20.95 22.50
C LEU A 614 10.44 20.10 22.16
N ASP A 615 11.26 20.65 21.27
CA ASP A 615 12.53 20.04 20.88
C ASP A 615 13.52 21.15 20.80
N MET A 616 14.18 21.41 21.92
CA MET A 616 15.41 22.16 21.85
C MET A 616 16.63 21.28 22.20
N ARG A 617 16.58 19.97 21.90
CA ARG A 617 17.58 18.91 22.31
C ARG A 617 19.12 19.07 22.32
N PHE A 618 19.71 19.65 21.29
CA PHE A 618 21.21 19.67 21.28
C PHE A 618 21.76 21.08 21.25
N ASN A 619 21.40 21.87 22.24
CA ASN A 619 21.90 23.23 22.35
C ASN A 619 22.85 23.37 23.56
N PRO A 620 23.76 24.38 23.52
CA PRO A 620 24.77 24.81 24.53
C PRO A 620 24.20 25.68 25.63
N PHE A 621 23.35 25.08 26.46
CA PHE A 621 22.61 25.79 27.51
C PHE A 621 23.48 26.45 28.58
N ASP A 622 22.98 27.55 29.17
CA ASP A 622 23.65 28.28 30.24
C ASP A 622 22.76 28.86 31.38
N CYS A 623 21.87 29.82 31.05
CA CYS A 623 21.00 30.56 32.03
C CYS A 623 19.48 30.27 31.93
N THR A 624 19.06 29.21 32.62
CA THR A 624 17.86 28.47 32.24
C THR A 624 16.67 28.50 33.23
N CYS A 625 15.63 27.74 32.87
CA CYS A 625 14.26 27.85 33.41
C CYS A 625 13.45 26.56 33.25
N GLU A 626 13.11 25.92 34.37
CA GLU A 626 12.50 24.56 34.39
C GLU A 626 11.24 24.26 33.53
N SER A 627 10.95 22.97 33.38
CA SER A 627 9.89 22.42 32.55
C SER A 627 8.74 21.82 33.38
N ILE A 628 7.50 21.94 32.91
CA ILE A 628 6.32 21.26 33.57
C ILE A 628 5.43 20.29 32.73
N ALA A 629 4.50 20.81 31.94
CA ALA A 629 3.24 20.08 31.69
C ALA A 629 3.15 18.97 30.63
N TRP A 630 4.12 18.90 29.72
CA TRP A 630 3.94 18.16 28.47
C TRP A 630 5.27 17.79 27.77
N PHE A 631 5.17 17.19 26.57
CA PHE A 631 6.24 16.43 25.91
C PHE A 631 7.57 17.12 25.55
N VAL A 632 8.63 16.70 26.24
CA VAL A 632 10.01 17.13 25.95
C VAL A 632 10.88 15.85 25.89
N ASN A 633 11.11 15.35 24.67
CA ASN A 633 11.78 14.03 24.45
C ASN A 633 13.25 13.83 24.88
N TRP A 634 13.81 14.78 25.62
CA TRP A 634 15.18 14.69 26.14
C TRP A 634 15.30 14.55 27.66
N ILE A 635 16.18 13.62 28.06
CA ILE A 635 16.68 13.50 29.43
C ILE A 635 18.21 13.31 29.35
N ASN A 636 18.67 12.76 28.23
CA ASN A 636 20.09 12.77 27.88
C ASN A 636 20.53 14.02 27.12
N GLU A 637 19.70 14.48 26.17
CA GLU A 637 20.06 15.64 25.35
C GLU A 637 19.74 16.97 26.04
N THR A 638 19.19 16.89 27.25
CA THR A 638 19.05 18.04 28.15
C THR A 638 20.41 18.50 28.67
C1 NAG B . -11.66 -11.74 -4.90
C2 NAG B . -11.32 -11.90 -3.42
C3 NAG B . -11.48 -10.55 -2.71
C4 NAG B . -10.71 -9.46 -3.43
C5 NAG B . -10.95 -9.49 -4.96
C6 NAG B . -10.12 -8.50 -5.78
C7 NAG B . -11.58 -13.88 -2.05
C8 NAG B . -12.49 -14.56 -1.06
N2 NAG B . -12.14 -12.91 -2.79
O3 NAG B . -11.03 -10.61 -1.38
O4 NAG B . -11.21 -8.26 -2.89
O5 NAG B . -10.75 -10.80 -5.44
O6 NAG B . -8.71 -8.77 -5.75
O7 NAG B . -10.39 -14.23 -2.11
C1 NAG B . -10.20 -7.26 -2.56
C2 NAG B . -10.90 -5.92 -2.37
C3 NAG B . -9.83 -4.87 -2.11
C4 NAG B . -8.88 -5.28 -0.95
C5 NAG B . -8.46 -6.77 -1.05
C6 NAG B . -7.80 -7.25 0.25
C7 NAG B . -12.96 -5.21 -3.51
C8 NAG B . -13.29 -4.11 -4.47
N2 NAG B . -11.70 -5.65 -3.54
O3 NAG B . -10.45 -3.63 -1.85
O4 NAG B . -7.73 -4.46 -0.90
O5 NAG B . -9.54 -7.63 -1.36
O6 NAG B . -7.92 -8.65 0.37
O7 NAG B . -13.84 -5.66 -2.78
C1 NAG C . -23.71 -15.83 -13.72
C2 NAG C . -24.18 -17.23 -13.28
C3 NAG C . -25.67 -17.46 -13.62
C4 NAG C . -26.55 -16.28 -13.19
C5 NAG C . -25.93 -14.98 -13.75
C6 NAG C . -26.71 -13.69 -13.45
C7 NAG C . -22.95 -19.35 -13.02
C8 NAG C . -22.13 -20.42 -13.66
N2 NAG C . -23.32 -18.31 -13.77
O3 NAG C . -26.15 -18.67 -13.02
O4 NAG C . -27.90 -16.45 -13.58
O5 NAG C . -24.62 -14.85 -13.25
O6 NAG C . -26.44 -13.30 -12.12
O7 NAG C . -23.25 -19.47 -11.82
C1 NAG C . -28.73 -16.84 -12.45
C2 NAG C . -29.56 -15.64 -11.93
C3 NAG C . -30.91 -15.53 -12.66
C4 NAG C . -31.68 -16.85 -12.72
C5 NAG C . -30.84 -18.02 -12.20
C6 NAG C . -31.50 -19.38 -12.48
C7 NAG C . -29.01 -14.97 -9.59
C8 NAG C . -28.09 -15.75 -8.70
N2 NAG C . -29.74 -15.69 -10.47
O3 NAG C . -30.69 -15.02 -13.97
O4 NAG C . -32.88 -16.74 -11.98
O5 NAG C . -29.52 -17.99 -12.76
O6 NAG C . -30.92 -20.00 -13.60
O7 NAG C . -29.09 -13.74 -9.48
C1 NAG D . 4.11 7.74 -8.09
C2 NAG D . 3.41 7.99 -6.74
C3 NAG D . 4.41 7.84 -5.61
C4 NAG D . 5.09 6.48 -5.66
C5 NAG D . 5.58 6.13 -7.05
C6 NAG D . 5.80 4.61 -7.15
C7 NAG D . 1.60 9.49 -6.36
C8 NAG D . 1.05 10.88 -6.43
N2 NAG D . 2.88 9.32 -6.70
O3 NAG D . 3.81 8.07 -4.35
O4 NAG D . 6.23 6.45 -4.80
O5 NAG D . 4.63 6.44 -8.05
O6 NAG D . 6.68 4.50 -8.23
O7 NAG D . 0.88 8.55 -5.98
C1 NAG D . 6.04 5.52 -3.69
C2 NAG D . 7.40 4.99 -3.18
C3 NAG D . 7.38 4.69 -1.69
C4 NAG D . 6.96 5.94 -0.96
C5 NAG D . 5.47 6.11 -1.29
C6 NAG D . 4.85 7.36 -0.64
C7 NAG D . 8.63 3.68 -4.81
C8 NAG D . 8.71 2.36 -5.53
N2 NAG D . 7.72 3.74 -3.84
O3 NAG D . 8.64 4.26 -1.30
O4 NAG D . 7.18 5.85 0.44
O5 NAG D . 5.19 6.08 -2.70
O6 NAG D . 5.23 8.54 -1.33
O7 NAG D . 9.35 4.65 -5.09
C1 NAG E . -10.21 28.56 -5.37
C2 NAG E . -10.84 28.27 -6.75
C3 NAG E . -12.31 28.72 -6.84
C4 NAG E . -13.14 28.18 -5.68
C5 NAG E . -12.43 28.23 -4.33
C6 NAG E . -13.02 27.13 -3.47
C7 NAG E . -9.81 28.17 -8.87
C8 NAG E . -9.18 28.91 -10.02
N2 NAG E . -10.10 28.90 -7.82
O3 NAG E . -12.90 28.28 -8.06
O4 NAG E . -14.36 28.92 -5.61
O5 NAG E . -11.03 27.94 -4.41
O6 NAG E . -13.09 27.59 -2.15
O7 NAG E . -10.03 26.97 -8.90
C1 NAG E . -15.50 28.02 -5.56
C2 NAG E . -16.74 28.80 -5.13
C3 NAG E . -18.07 28.07 -5.39
C4 NAG E . -18.05 26.88 -6.35
C5 NAG E . -16.65 26.29 -6.60
C6 NAG E . -16.61 25.36 -7.82
C7 NAG E . -16.40 30.47 -3.36
C8 NAG E . -16.33 30.73 -1.88
N2 NAG E . -16.64 29.20 -3.74
O3 NAG E . -19.01 29.01 -5.88
O4 NAG E . -18.90 25.86 -5.86
O5 NAG E . -15.72 27.34 -6.78
O6 NAG E . -16.43 26.13 -8.99
O7 NAG E . -16.23 31.40 -4.15
C1 NAG F . -21.36 -22.78 21.24
C2 NAG F . -21.16 -21.63 22.22
C3 NAG F . -21.22 -22.18 23.65
C4 NAG F . -22.23 -23.35 23.90
C5 NAG F . -22.99 -23.90 22.66
C6 NAG F . -24.49 -23.76 22.89
C7 NAG F . -19.40 -19.85 22.39
C8 NAG F . -20.32 -18.69 22.66
N2 NAG F . -19.90 -20.98 21.87
O3 NAG F . -21.54 -21.11 24.53
O4 NAG F . -21.60 -24.43 24.57
O5 NAG F . -22.67 -23.31 21.40
O6 NAG F . -25.11 -25.00 22.65
O7 NAG F . -18.19 -19.74 22.60
C1 NAG G . -8.58 -19.41 -31.90
C2 NAG G . -9.94 -19.42 -32.60
C3 NAG G . -9.93 -20.54 -33.66
C4 NAG G . -8.98 -20.04 -34.76
C5 NAG G . -7.59 -19.73 -34.19
C6 NAG G . -7.00 -18.53 -34.93
C7 NAG G . -11.41 -20.52 -30.87
C8 NAG G . -12.44 -20.22 -29.81
N2 NAG G . -11.05 -19.46 -31.63
O3 NAG G . -11.23 -20.83 -34.16
O4 NAG G . -8.86 -20.95 -35.84
O5 NAG G . -7.47 -19.48 -32.79
O6 NAG G . -5.63 -18.79 -35.14
O7 NAG G . -11.00 -21.67 -31.00
C1 NAG H . -3.95 -10.61 -33.42
C2 NAG H . -4.27 -9.67 -34.61
C3 NAG H . -3.42 -9.97 -35.85
C4 NAG H . -1.99 -10.42 -35.52
C5 NAG H . -2.02 -11.47 -34.40
C6 NAG H . -0.67 -12.07 -33.98
C7 NAG H . -6.43 -8.86 -35.54
C8 NAG H . -7.73 -9.32 -36.13
N2 NAG H . -5.70 -9.79 -34.90
O3 NAG H . -3.43 -8.83 -36.68
O4 NAG H . -1.39 -10.95 -36.68
O5 NAG H . -2.57 -10.86 -33.27
O6 NAG H . -0.91 -13.35 -33.44
O7 NAG H . -6.09 -7.68 -35.64
C1 NAG I . 2.90 20.38 -31.59
C2 NAG I . 1.76 20.83 -32.51
C3 NAG I . 2.34 21.04 -33.91
C4 NAG I . 3.61 21.88 -33.93
C5 NAG I . 4.61 21.65 -32.78
C6 NAG I . 5.45 22.93 -32.60
C7 NAG I . -0.60 20.13 -32.10
C8 NAG I . -1.47 18.95 -31.84
N2 NAG I . 0.66 19.87 -32.51
O3 NAG I . 1.40 21.68 -34.75
O4 NAG I . 4.28 21.62 -35.15
O5 NAG I . 3.94 21.35 -31.55
O6 NAG I . 6.83 22.66 -32.64
O7 NAG I . -1.06 21.25 -31.92
S SO4 J . -1.79 -0.56 -7.59
O1 SO4 J . -1.63 -1.68 -8.51
O2 SO4 J . -2.91 -0.66 -6.73
O3 SO4 J . -0.66 -0.54 -6.73
O4 SO4 J . -1.91 0.66 -8.38
S SO4 K . 14.85 17.29 5.16
O1 SO4 K . 14.95 15.85 4.88
O2 SO4 K . 13.45 17.69 5.15
O3 SO4 K . 15.48 17.57 6.44
O4 SO4 K . 15.51 18.09 4.12
C1 GOL L . -9.00 -37.99 35.27
O1 GOL L . -8.93 -39.00 34.30
C2 GOL L . -9.12 -36.69 34.50
O2 GOL L . -8.14 -36.83 33.49
C3 GOL L . -10.53 -36.57 33.86
O3 GOL L . -11.12 -35.51 34.26
C1 GOL M . 4.92 -27.91 -7.43
O1 GOL M . 3.73 -27.29 -7.00
C2 GOL M . 4.87 -27.92 -8.95
O2 GOL M . 3.54 -28.20 -9.34
C3 GOL M . 5.94 -28.88 -9.56
O3 GOL M . 5.45 -29.68 -10.63
C1 GOL N . 3.67 44.47 -0.31
O1 GOL N . 3.10 44.22 -1.59
C2 GOL N . 4.94 45.33 -0.47
O2 GOL N . 5.16 45.55 -1.85
C3 GOL N . 6.20 44.73 0.17
O3 GOL N . 7.24 44.71 -0.79
C1 GOL O . -19.54 -38.14 -7.61
O1 GOL O . -18.36 -38.45 -6.88
C2 GOL O . -20.66 -37.82 -6.62
O2 GOL O . -20.61 -38.80 -5.60
C3 GOL O . -22.03 -37.87 -7.31
O3 GOL O . -22.42 -36.64 -7.89
C1 GOL P . 5.83 18.07 2.72
O1 GOL P . 4.97 19.19 2.79
C2 GOL P . 6.89 18.33 1.65
O2 GOL P . 6.63 17.58 0.48
C3 GOL P . 8.35 18.24 2.16
O3 GOL P . 8.44 19.01 3.33
C1 GOL Q . 14.16 -0.66 -15.71
O1 GOL Q . 14.62 -0.72 -14.37
C2 GOL Q . 15.24 -0.25 -16.73
O2 GOL Q . 14.82 0.85 -17.54
C3 GOL Q . 15.66 -1.40 -17.65
O3 GOL Q . 14.92 -2.56 -17.35
#